data_4JTL
#
_entry.id   4JTL
#
_cell.length_a   81.997
_cell.length_b   85.924
_cell.length_c   163.370
_cell.angle_alpha   90.000
_cell.angle_beta   90.000
_cell.angle_gamma   90.000
#
_symmetry.space_group_name_H-M   'P 21 21 21'
#
loop_
_entity.id
_entity.type
_entity.pdbx_description
1 polymer '2-dehydro-3-deoxyphosphooctonate aldolase'
2 non-polymer 'CHLORIDE ION'
3 water water
#
_entity_poly.entity_id   1
_entity_poly.type   'polypeptide(L)'
_entity_poly.pdbx_seq_one_letter_code
;MDIKINDITLGNNSPFVLFGGINVLESLDSTLQTCAHYVEVTRKLGIPYIFKASFDKANRSSIHSYRGVGLEEGLKIFEK
VKAEFGIPVITDVHEPHQCQPVAEVCDVIQLPAFLARQTDLVVAMAKTGNVVNIKKPQGLSPSQMKNIVEKFHEAGNGKL
ILCERGSSFGYDNLVVDMLGFGVMKQTCGNLPVIFDVTHSLQTRDAGSAASGGRRAQALDLALAGMATRLAGLFLESHPD
PKLAKCDGPSALPLHLLEDFLIRIKALDDLIKSQPILTIE
;
_entity_poly.pdbx_strand_id   A,B,C,D
#
loop_
_chem_comp.id
_chem_comp.type
_chem_comp.name
_chem_comp.formula
CL non-polymer 'CHLORIDE ION' 'Cl -1'
#
# COMPACT_ATOMS: atom_id res chain seq x y z
N MET A 1 -21.43 8.26 21.98
CA MET A 1 -22.89 7.90 22.01
C MET A 1 -22.97 6.40 22.31
N ASP A 2 -23.72 6.06 23.34
CA ASP A 2 -23.95 4.71 23.70
C ASP A 2 -25.16 4.20 22.99
N ILE A 3 -25.23 2.87 22.82
CA ILE A 3 -26.39 2.20 22.26
C ILE A 3 -26.82 1.10 23.26
N LYS A 4 -28.11 1.02 23.55
CA LYS A 4 -28.65 -0.03 24.41
C LYS A 4 -29.04 -1.19 23.53
N ILE A 5 -28.57 -2.38 23.86
CA ILE A 5 -29.01 -3.58 23.17
C ILE A 5 -29.53 -4.50 24.27
N ASN A 6 -30.87 -4.53 24.46
CA ASN A 6 -31.52 -5.11 25.65
C ASN A 6 -30.92 -4.55 26.93
N ASP A 7 -30.33 -5.40 27.80
CA ASP A 7 -29.68 -4.93 29.03
C ASP A 7 -28.23 -4.50 28.83
N ILE A 8 -27.69 -4.62 27.63
CA ILE A 8 -26.28 -4.29 27.38
C ILE A 8 -26.13 -2.83 26.99
N THR A 9 -25.16 -2.15 27.57
CA THR A 9 -24.78 -0.84 27.12
C THR A 9 -23.51 -0.92 26.29
N LEU A 10 -23.60 -0.58 25.01
CA LEU A 10 -22.44 -0.63 24.10
C LEU A 10 -21.96 0.77 23.87
N GLY A 11 -20.68 1.01 24.11
CA GLY A 11 -20.17 2.36 24.01
C GLY A 11 -18.69 2.44 24.26
N ASN A 12 -18.04 3.39 23.64
CA ASN A 12 -16.57 3.47 23.65
C ASN A 12 -15.96 3.79 24.98
N ASN A 13 -16.78 4.20 25.95
CA ASN A 13 -16.33 4.29 27.28
C ASN A 13 -17.03 3.35 28.24
N SER A 14 -17.51 2.21 27.75
CA SER A 14 -18.15 1.23 28.58
C SER A 14 -17.33 -0.09 28.52
N PRO A 15 -17.57 -1.01 29.46
CA PRO A 15 -16.87 -2.29 29.35
C PRO A 15 -17.12 -2.95 27.99
N PHE A 16 -16.07 -3.59 27.46
CA PHE A 16 -16.17 -4.10 26.11
C PHE A 16 -17.19 -5.22 25.97
N VAL A 17 -17.86 -5.25 24.82
CA VAL A 17 -18.83 -6.26 24.50
C VAL A 17 -18.17 -7.20 23.52
N LEU A 18 -18.27 -8.51 23.79
CA LEU A 18 -17.83 -9.53 22.83
C LEU A 18 -18.92 -9.94 21.87
N PHE A 19 -18.61 -9.86 20.58
CA PHE A 19 -19.47 -10.29 19.52
C PHE A 19 -18.75 -11.51 19.03
N GLY A 20 -19.38 -12.67 19.18
CA GLY A 20 -18.70 -13.91 18.87
C GLY A 20 -19.66 -15.03 18.50
N GLY A 21 -19.24 -15.85 17.57
CA GLY A 21 -19.90 -17.09 17.35
C GLY A 21 -19.22 -17.87 16.28
N ILE A 22 -20.05 -18.34 15.35
CA ILE A 22 -19.63 -19.17 14.22
C ILE A 22 -19.86 -18.47 12.91
N ASN A 23 -19.19 -19.00 11.88
CA ASN A 23 -19.14 -18.41 10.57
C ASN A 23 -20.51 -18.52 9.94
N VAL A 24 -20.98 -19.74 9.81
CA VAL A 24 -22.18 -20.03 9.09
C VAL A 24 -23.05 -21.02 9.86
N LEU A 25 -24.34 -20.76 9.94
CA LEU A 25 -25.25 -21.69 10.62
C LEU A 25 -25.40 -22.99 9.82
N GLU A 26 -25.10 -24.15 10.45
CA GLU A 26 -25.25 -25.50 9.84
C GLU A 26 -26.41 -26.33 10.39
N SER A 27 -26.62 -26.29 11.71
CA SER A 27 -27.67 -27.05 12.37
C SER A 27 -28.01 -26.45 13.73
N LEU A 28 -29.20 -26.75 14.24
CA LEU A 28 -29.61 -26.22 15.51
C LEU A 28 -28.72 -26.72 16.63
N ASP A 29 -28.43 -28.00 16.63
CA ASP A 29 -27.66 -28.64 17.70
C ASP A 29 -26.25 -28.08 17.80
N SER A 30 -25.55 -27.99 16.68
CA SER A 30 -24.16 -27.49 16.77
C SER A 30 -24.09 -25.97 17.06
N THR A 31 -25.05 -25.19 16.57
CA THR A 31 -25.20 -23.80 17.00
C THR A 31 -25.42 -23.59 18.49
N LEU A 32 -26.36 -24.33 19.07
CA LEU A 32 -26.63 -24.19 20.50
C LEU A 32 -25.41 -24.57 21.34
N GLN A 33 -24.70 -25.59 20.88
CA GLN A 33 -23.56 -26.07 21.61
C GLN A 33 -22.46 -24.99 21.64
N THR A 34 -22.17 -24.43 20.49
CA THR A 34 -21.16 -23.40 20.41
C THR A 34 -21.56 -22.18 21.21
N CYS A 35 -22.80 -21.77 21.04
CA CYS A 35 -23.32 -20.64 21.80
C CYS A 35 -23.22 -20.83 23.30
N ALA A 36 -23.55 -22.03 23.77
CA ALA A 36 -23.47 -22.37 25.19
C ALA A 36 -22.04 -22.21 25.73
N HIS A 37 -21.03 -22.56 24.92
CA HIS A 37 -19.62 -22.39 25.32
C HIS A 37 -19.28 -20.91 25.50
N TYR A 38 -19.60 -20.09 24.50
CA TYR A 38 -19.42 -18.67 24.65
C TYR A 38 -20.13 -18.13 25.86
N VAL A 39 -21.41 -18.46 26.03
CA VAL A 39 -22.19 -17.95 27.16
C VAL A 39 -21.59 -18.35 28.52
N GLU A 40 -21.19 -19.60 28.67
CA GLU A 40 -20.62 -20.06 29.93
C GLU A 40 -19.30 -19.34 30.23
N VAL A 41 -18.43 -19.16 29.23
CA VAL A 41 -17.14 -18.46 29.43
C VAL A 41 -17.33 -16.97 29.73
N THR A 42 -18.19 -16.29 28.96
CA THR A 42 -18.42 -14.86 29.18
C THR A 42 -19.11 -14.59 30.46
N ARG A 43 -20.11 -15.39 30.81
CA ARG A 43 -20.73 -15.17 32.09
C ARG A 43 -19.75 -15.29 33.25
N LYS A 44 -18.92 -16.31 33.19
CA LYS A 44 -17.98 -16.53 34.29
C LYS A 44 -16.88 -15.45 34.35
N LEU A 45 -16.58 -14.75 33.26
CA LEU A 45 -15.65 -13.62 33.33
C LEU A 45 -16.39 -12.30 33.52
N GLY A 46 -17.74 -12.33 33.49
CA GLY A 46 -18.51 -11.10 33.58
C GLY A 46 -18.40 -10.18 32.37
N ILE A 47 -18.32 -10.75 31.17
CA ILE A 47 -18.25 -9.97 29.92
C ILE A 47 -19.58 -9.99 29.13
N PRO A 48 -20.12 -8.82 28.73
CA PRO A 48 -21.37 -8.86 27.95
C PRO A 48 -21.15 -9.51 26.60
N TYR A 49 -22.16 -10.22 26.10
CA TYR A 49 -22.01 -11.12 24.97
C TYR A 49 -23.18 -11.07 23.99
N ILE A 50 -22.84 -11.00 22.69
CA ILE A 50 -23.81 -11.06 21.62
C ILE A 50 -23.38 -12.16 20.63
N PHE A 51 -24.28 -13.12 20.34
CA PHE A 51 -23.97 -14.27 19.51
C PHE A 51 -24.10 -13.91 18.03
N LYS A 52 -23.13 -14.34 17.24
CA LYS A 52 -23.03 -14.01 15.84
C LYS A 52 -23.00 -15.23 14.96
N ALA A 53 -23.74 -15.20 13.85
CA ALA A 53 -23.61 -16.22 12.81
C ALA A 53 -24.25 -15.73 11.54
N SER A 54 -23.83 -16.29 10.40
CA SER A 54 -24.50 -16.03 9.12
C SER A 54 -25.41 -17.18 8.76
N PHE A 55 -26.58 -16.85 8.24
CA PHE A 55 -27.51 -17.85 7.73
C PHE A 55 -27.17 -18.16 6.28
N ASP A 56 -26.37 -17.30 5.67
CA ASP A 56 -26.00 -17.53 4.27
C ASP A 56 -24.53 -17.14 3.95
N LYS A 57 -23.79 -18.10 3.37
CA LYS A 57 -22.42 -17.88 2.92
C LYS A 57 -22.45 -17.32 1.48
N ALA A 58 -22.28 -16.00 1.35
CA ALA A 58 -22.60 -15.31 0.10
C ALA A 58 -21.48 -15.47 -0.91
N ASN A 59 -20.25 -15.70 -0.43
CA ASN A 59 -19.10 -16.01 -1.26
C ASN A 59 -18.51 -17.39 -0.96
N ARG A 60 -18.79 -18.34 -1.83
CA ARG A 60 -18.44 -19.75 -1.63
C ARG A 60 -17.38 -20.22 -2.60
N SER A 61 -16.48 -21.08 -2.14
CA SER A 61 -15.33 -21.50 -2.94
C SER A 61 -15.77 -22.04 -4.29
N SER A 62 -16.92 -22.69 -4.30
CA SER A 62 -17.43 -23.39 -5.45
C SER A 62 -18.90 -23.00 -5.51
N ILE A 63 -19.46 -23.05 -6.72
CA ILE A 63 -20.90 -22.93 -6.84
C ILE A 63 -21.55 -24.11 -6.08
N HIS A 64 -20.90 -25.26 -6.04
CA HIS A 64 -21.48 -26.41 -5.35
C HIS A 64 -21.20 -26.49 -3.85
N SER A 65 -20.43 -25.58 -3.29
CA SER A 65 -20.06 -25.69 -1.89
C SER A 65 -21.28 -25.51 -1.02
N TYR A 66 -21.24 -26.12 0.17
CA TYR A 66 -22.30 -25.92 1.16
C TYR A 66 -22.40 -24.45 1.53
N ARG A 67 -23.66 -24.00 1.55
CA ARG A 67 -24.05 -22.61 1.68
C ARG A 67 -24.62 -22.07 3.02
N GLY A 68 -25.10 -22.96 3.88
CA GLY A 68 -25.68 -22.58 5.16
C GLY A 68 -27.15 -22.92 5.16
N VAL A 69 -27.80 -22.79 6.29
CA VAL A 69 -29.19 -23.22 6.32
C VAL A 69 -30.20 -22.30 5.59
N GLY A 70 -29.87 -21.02 5.35
CA GLY A 70 -30.80 -20.11 4.68
C GLY A 70 -31.68 -19.31 5.62
N LEU A 71 -32.37 -18.34 5.04
CA LEU A 71 -33.07 -17.34 5.84
C LEU A 71 -34.10 -17.95 6.79
N GLU A 72 -34.97 -18.79 6.25
CA GLU A 72 -36.11 -19.32 7.01
C GLU A 72 -35.66 -20.14 8.21
N GLU A 73 -34.82 -21.12 7.94
CA GLU A 73 -34.33 -22.02 8.97
C GLU A 73 -33.37 -21.26 9.90
N GLY A 74 -32.55 -20.37 9.32
CA GLY A 74 -31.63 -19.55 10.08
C GLY A 74 -32.33 -18.71 11.12
N LEU A 75 -33.42 -18.03 10.74
CA LEU A 75 -34.18 -17.23 11.72
C LEU A 75 -34.82 -18.09 12.83
N LYS A 76 -35.28 -19.29 12.47
CA LYS A 76 -35.73 -20.24 13.48
C LYS A 76 -34.64 -20.53 14.49
N ILE A 77 -33.43 -20.80 14.00
CA ILE A 77 -32.32 -21.10 14.90
C ILE A 77 -32.02 -19.92 15.83
N PHE A 78 -32.04 -18.70 15.29
CA PHE A 78 -31.78 -17.50 16.08
C PHE A 78 -32.85 -17.31 17.17
N GLU A 79 -34.10 -17.62 16.84
CA GLU A 79 -35.18 -17.50 17.84
C GLU A 79 -34.94 -18.46 18.98
N LYS A 80 -34.46 -19.65 18.66
CA LYS A 80 -34.16 -20.63 19.68
C LYS A 80 -32.96 -20.22 20.52
N VAL A 81 -31.93 -19.64 19.89
CA VAL A 81 -30.79 -19.09 20.65
C VAL A 81 -31.28 -18.02 21.65
N LYS A 82 -32.10 -17.07 21.18
CA LYS A 82 -32.59 -16.00 22.08
C LYS A 82 -33.44 -16.55 23.23
N ALA A 83 -34.30 -17.54 22.92
CA ALA A 83 -35.18 -18.10 23.93
C ALA A 83 -34.38 -18.88 24.95
N GLU A 84 -33.45 -19.72 24.51
CA GLU A 84 -32.65 -20.49 25.45
C GLU A 84 -31.68 -19.69 26.30
N PHE A 85 -30.97 -18.72 25.70
CA PHE A 85 -29.93 -18.06 26.46
C PHE A 85 -30.26 -16.65 26.91
N GLY A 86 -31.33 -16.05 26.36
CA GLY A 86 -31.73 -14.68 26.71
C GLY A 86 -30.67 -13.62 26.35
N ILE A 87 -29.98 -13.82 25.23
CA ILE A 87 -28.95 -12.90 24.75
C ILE A 87 -29.34 -12.32 23.39
N PRO A 88 -28.76 -11.14 23.05
CA PRO A 88 -28.96 -10.59 21.72
C PRO A 88 -28.14 -11.37 20.70
N VAL A 89 -28.51 -11.24 19.44
CA VAL A 89 -27.83 -11.89 18.36
C VAL A 89 -27.61 -10.91 17.24
N ILE A 90 -26.69 -11.27 16.33
CA ILE A 90 -26.28 -10.44 15.24
C ILE A 90 -26.10 -11.32 14.01
N THR A 91 -26.54 -10.84 12.85
CA THR A 91 -26.29 -11.55 11.59
C THR A 91 -26.20 -10.55 10.44
N ASP A 92 -25.53 -10.95 9.37
CA ASP A 92 -25.44 -10.17 8.13
C ASP A 92 -26.61 -10.37 7.12
N VAL A 93 -26.93 -9.31 6.38
CA VAL A 93 -27.94 -9.33 5.32
C VAL A 93 -27.30 -8.91 3.99
N HIS A 94 -27.72 -9.50 2.89
CA HIS A 94 -27.15 -9.22 1.57
C HIS A 94 -28.11 -8.63 0.57
N GLU A 95 -29.41 -8.73 0.85
CA GLU A 95 -30.44 -8.25 -0.05
C GLU A 95 -31.42 -7.37 0.72
N PRO A 96 -31.85 -6.26 0.12
CA PRO A 96 -32.80 -5.36 0.71
C PRO A 96 -34.06 -6.02 1.23
N HIS A 97 -34.67 -6.90 0.41
CA HIS A 97 -35.88 -7.62 0.80
C HIS A 97 -35.66 -8.48 2.07
N GLN A 98 -34.43 -8.86 2.39
CA GLN A 98 -34.18 -9.68 3.60
C GLN A 98 -34.21 -8.88 4.90
N CYS A 99 -34.07 -7.56 4.80
CA CYS A 99 -33.84 -6.71 5.98
C CYS A 99 -34.92 -6.77 6.99
N GLN A 100 -36.15 -6.59 6.54
CA GLN A 100 -37.29 -6.58 7.47
C GLN A 100 -37.52 -7.92 8.17
N PRO A 101 -37.60 -9.01 7.42
CA PRO A 101 -37.79 -10.27 8.17
C PRO A 101 -36.61 -10.65 9.08
N VAL A 102 -35.38 -10.30 8.70
CA VAL A 102 -34.24 -10.57 9.57
C VAL A 102 -34.31 -9.71 10.85
N ALA A 103 -34.64 -8.43 10.66
CA ALA A 103 -34.72 -7.48 11.77
C ALA A 103 -35.83 -7.78 12.74
N GLU A 104 -36.85 -8.51 12.32
CA GLU A 104 -37.90 -8.90 13.25
C GLU A 104 -37.32 -9.77 14.36
N VAL A 105 -36.26 -10.52 14.05
CA VAL A 105 -35.70 -11.51 14.95
C VAL A 105 -34.36 -11.09 15.52
N CYS A 106 -33.48 -10.60 14.64
CA CYS A 106 -32.12 -10.31 15.04
C CYS A 106 -31.95 -8.88 15.59
N ASP A 107 -31.38 -8.79 16.79
CA ASP A 107 -31.19 -7.51 17.48
C ASP A 107 -30.30 -6.57 16.66
N VAL A 108 -29.21 -7.11 16.12
CA VAL A 108 -28.28 -6.30 15.33
C VAL A 108 -28.19 -6.92 13.96
N ILE A 109 -28.30 -6.09 12.94
CA ILE A 109 -28.11 -6.55 11.60
C ILE A 109 -26.86 -5.90 11.08
N GLN A 110 -26.13 -6.65 10.28
CA GLN A 110 -24.82 -6.25 9.86
C GLN A 110 -24.76 -5.98 8.33
N LEU A 111 -24.13 -4.88 7.95
CA LEU A 111 -23.87 -4.50 6.56
C LEU A 111 -22.50 -5.03 6.11
N PRO A 112 -22.48 -6.02 5.22
CA PRO A 112 -21.13 -6.58 4.92
C PRO A 112 -20.25 -5.58 4.22
N ALA A 113 -18.96 -5.74 4.39
CA ALA A 113 -17.99 -4.77 3.87
C ALA A 113 -18.07 -4.55 2.35
N PHE A 114 -18.25 -5.63 1.61
CA PHE A 114 -18.32 -5.51 0.15
C PHE A 114 -19.56 -4.76 -0.32
N LEU A 115 -20.62 -4.72 0.48
CA LEU A 115 -21.87 -4.13 0.09
C LEU A 115 -22.11 -2.76 0.72
N ALA A 116 -21.09 -2.23 1.39
CA ALA A 116 -21.24 -1.04 2.25
C ALA A 116 -21.62 0.22 1.48
N ARG A 117 -21.34 0.24 0.19
CA ARG A 117 -21.75 1.31 -0.68
C ARG A 117 -22.97 0.97 -1.53
N GLN A 118 -23.66 -0.13 -1.23
CA GLN A 118 -24.86 -0.46 -1.96
C GLN A 118 -26.02 0.30 -1.33
N THR A 119 -26.33 1.44 -1.93
CA THR A 119 -27.28 2.40 -1.36
C THR A 119 -28.64 1.81 -1.03
N ASP A 120 -29.14 0.91 -1.88
CA ASP A 120 -30.46 0.29 -1.61
C ASP A 120 -30.45 -0.60 -0.38
N LEU A 121 -29.32 -1.29 -0.15
CA LEU A 121 -29.20 -2.07 1.06
C LEU A 121 -29.11 -1.17 2.30
N VAL A 122 -28.30 -0.12 2.22
CA VAL A 122 -28.22 0.86 3.29
C VAL A 122 -29.62 1.35 3.69
N VAL A 123 -30.41 1.72 2.69
CA VAL A 123 -31.71 2.36 2.96
C VAL A 123 -32.65 1.36 3.58
N ALA A 124 -32.73 0.16 3.01
CA ALA A 124 -33.61 -0.87 3.55
C ALA A 124 -33.15 -1.26 4.99
N MET A 125 -31.84 -1.33 5.26
CA MET A 125 -31.38 -1.61 6.64
C MET A 125 -31.82 -0.51 7.60
N ALA A 126 -31.59 0.73 7.18
CA ALA A 126 -31.91 1.87 7.99
C ALA A 126 -33.40 1.86 8.38
N LYS A 127 -34.26 1.56 7.42
CA LYS A 127 -35.70 1.62 7.65
C LYS A 127 -36.22 0.54 8.61
N THR A 128 -35.45 -0.51 8.88
CA THR A 128 -35.81 -1.44 9.96
C THR A 128 -35.86 -0.79 11.34
N GLY A 129 -35.13 0.31 11.56
CA GLY A 129 -35.00 0.89 12.89
C GLY A 129 -34.04 0.10 13.79
N ASN A 130 -33.56 -1.04 13.32
CA ASN A 130 -32.68 -1.85 14.17
C ASN A 130 -31.26 -1.23 14.36
N VAL A 131 -30.57 -1.70 15.40
CA VAL A 131 -29.13 -1.44 15.57
C VAL A 131 -28.42 -2.06 14.38
N VAL A 132 -27.51 -1.30 13.78
CA VAL A 132 -26.78 -1.72 12.57
C VAL A 132 -25.27 -1.75 12.83
N ASN A 133 -24.59 -2.81 12.41
CA ASN A 133 -23.13 -2.87 12.46
C ASN A 133 -22.58 -2.69 11.06
N ILE A 134 -21.86 -1.59 10.85
CA ILE A 134 -21.29 -1.27 9.55
C ILE A 134 -19.85 -1.82 9.43
N LYS A 135 -19.66 -2.84 8.62
CA LYS A 135 -18.30 -3.39 8.40
C LYS A 135 -17.54 -2.45 7.45
N LYS A 136 -16.43 -1.91 7.92
CA LYS A 136 -15.59 -1.01 7.17
C LYS A 136 -14.86 -1.74 6.04
N PRO A 137 -15.10 -1.33 4.78
CA PRO A 137 -14.39 -1.99 3.66
C PRO A 137 -12.88 -1.81 3.78
N GLN A 138 -12.18 -2.84 3.35
CA GLN A 138 -10.75 -2.84 3.45
C GLN A 138 -10.10 -1.83 2.52
N GLY A 139 -10.87 -1.38 1.53
CA GLY A 139 -10.46 -0.29 0.65
C GLY A 139 -10.91 1.11 1.04
N LEU A 140 -11.56 1.28 2.18
CA LEU A 140 -12.11 2.62 2.54
C LEU A 140 -11.30 3.26 3.67
N SER A 141 -10.90 4.50 3.52
CA SER A 141 -10.19 5.15 4.58
C SER A 141 -11.11 5.47 5.78
N PRO A 142 -10.54 5.53 6.98
CA PRO A 142 -11.35 5.73 8.15
C PRO A 142 -12.07 7.07 8.13
N SER A 143 -11.51 8.06 7.48
CA SER A 143 -12.16 9.39 7.42
C SER A 143 -13.34 9.41 6.49
N GLN A 144 -13.61 8.31 5.80
CA GLN A 144 -14.74 8.27 4.88
C GLN A 144 -15.89 7.55 5.46
N MET A 145 -15.71 6.96 6.63
CA MET A 145 -16.83 6.21 7.26
C MET A 145 -17.98 7.14 7.49
N LYS A 146 -17.66 8.40 7.73
CA LYS A 146 -18.67 9.43 7.97
C LYS A 146 -19.69 9.50 6.83
N ASN A 147 -19.31 9.13 5.62
CA ASN A 147 -20.22 9.19 4.45
C ASN A 147 -21.24 8.08 4.48
N ILE A 148 -20.85 6.92 4.99
CA ILE A 148 -21.79 5.87 5.21
C ILE A 148 -22.75 6.28 6.35
N VAL A 149 -22.17 6.78 7.43
CA VAL A 149 -22.94 7.22 8.58
C VAL A 149 -24.00 8.25 8.20
N GLU A 150 -23.58 9.22 7.39
CA GLU A 150 -24.48 10.24 6.89
C GLU A 150 -25.72 9.66 6.17
N LYS A 151 -25.53 8.59 5.43
CA LYS A 151 -26.62 8.01 4.64
C LYS A 151 -27.61 7.33 5.53
N PHE A 152 -27.10 6.63 6.54
CA PHE A 152 -27.97 6.00 7.51
C PHE A 152 -28.78 7.05 8.24
N HIS A 153 -28.15 8.18 8.60
CA HIS A 153 -28.86 9.34 9.22
C HIS A 153 -29.93 10.00 8.35
N GLU A 154 -29.63 10.24 7.07
CA GLU A 154 -30.61 10.68 6.08
C GLU A 154 -31.81 9.71 5.94
N ALA A 155 -31.57 8.40 6.04
CA ALA A 155 -32.61 7.38 5.96
C ALA A 155 -33.24 7.06 7.33
N GLY A 156 -32.84 7.78 8.39
CA GLY A 156 -33.56 7.79 9.67
C GLY A 156 -33.12 6.88 10.78
N ASN A 157 -31.87 6.40 10.75
CA ASN A 157 -31.36 5.48 11.76
C ASN A 157 -29.95 5.92 12.21
N GLY A 158 -29.85 6.30 13.49
CA GLY A 158 -28.57 6.67 14.10
C GLY A 158 -28.00 5.62 15.03
N LYS A 159 -28.60 4.42 15.07
CA LYS A 159 -28.12 3.35 15.94
C LYS A 159 -27.09 2.47 15.24
N LEU A 160 -25.90 3.02 15.06
CA LEU A 160 -24.87 2.46 14.18
C LEU A 160 -23.61 2.14 14.97
N ILE A 161 -23.04 0.96 14.68
CA ILE A 161 -21.78 0.50 15.24
C ILE A 161 -20.82 0.47 14.03
N LEU A 162 -19.58 0.92 14.22
CA LEU A 162 -18.57 0.91 13.17
C LEU A 162 -17.59 -0.21 13.46
N CYS A 163 -17.31 -1.06 12.49
CA CYS A 163 -16.52 -2.24 12.75
C CYS A 163 -15.30 -2.24 11.83
N GLU A 164 -14.13 -2.16 12.46
CA GLU A 164 -12.85 -2.20 11.79
C GLU A 164 -12.49 -3.64 11.44
N ARG A 165 -12.03 -3.87 10.25
CA ARG A 165 -11.68 -5.21 9.86
C ARG A 165 -10.36 -5.23 9.03
N GLY A 166 -9.58 -4.14 9.09
CA GLY A 166 -8.30 -4.10 8.42
C GLY A 166 -8.38 -3.41 7.05
N SER A 167 -7.22 -3.05 6.52
CA SER A 167 -7.09 -2.24 5.25
C SER A 167 -6.16 -2.95 4.29
N SER A 168 -6.49 -2.92 3.00
CA SER A 168 -5.67 -3.61 1.95
C SER A 168 -4.25 -3.06 1.95
N PHE A 169 -3.29 -3.97 1.92
CA PHE A 169 -1.87 -3.64 2.08
C PHE A 169 -1.11 -4.42 1.06
N GLY A 170 -0.91 -3.84 -0.09
CA GLY A 170 -0.35 -4.58 -1.22
C GLY A 170 -1.36 -5.63 -1.69
N TYR A 171 -0.87 -6.69 -2.32
CA TYR A 171 -1.76 -7.75 -2.75
C TYR A 171 -2.00 -8.74 -1.60
N ASP A 172 -3.24 -9.20 -1.50
CA ASP A 172 -3.58 -10.40 -0.72
C ASP A 172 -3.22 -10.29 0.76
N ASN A 173 -3.22 -9.09 1.32
CA ASN A 173 -2.71 -8.88 2.67
C ASN A 173 -3.39 -7.68 3.30
N LEU A 174 -3.58 -7.75 4.61
CA LEU A 174 -4.23 -6.67 5.36
C LEU A 174 -3.28 -6.12 6.42
N VAL A 175 -3.45 -4.86 6.79
CA VAL A 175 -2.84 -4.29 7.96
C VAL A 175 -3.91 -3.49 8.68
N VAL A 176 -3.87 -3.48 10.03
CA VAL A 176 -4.77 -2.66 10.80
C VAL A 176 -4.08 -1.40 11.28
N ASP A 177 -4.57 -0.25 10.84
CA ASP A 177 -4.08 1.04 11.25
C ASP A 177 -4.73 1.41 12.60
N MET A 178 -3.94 1.33 13.66
CA MET A 178 -4.48 1.64 15.00
C MET A 178 -4.91 3.11 15.14
N LEU A 179 -4.47 4.01 14.25
CA LEU A 179 -5.00 5.40 14.27
C LEU A 179 -6.40 5.55 13.68
N GLY A 180 -6.85 4.53 12.94
CA GLY A 180 -8.14 4.60 12.29
C GLY A 180 -9.28 4.63 13.29
N PHE A 181 -9.12 3.94 14.42
CA PHE A 181 -10.16 3.96 15.45
C PHE A 181 -10.49 5.37 15.92
N GLY A 182 -9.44 6.11 16.25
CA GLY A 182 -9.59 7.49 16.70
C GLY A 182 -10.14 8.45 15.62
N VAL A 183 -9.72 8.26 14.37
CA VAL A 183 -10.26 9.02 13.29
C VAL A 183 -11.79 8.79 13.14
N MET A 184 -12.21 7.54 13.28
CA MET A 184 -13.64 7.21 13.20
C MET A 184 -14.45 7.80 14.37
N LYS A 185 -13.90 7.71 15.58
CA LYS A 185 -14.58 8.32 16.71
C LYS A 185 -14.76 9.80 16.54
N GLN A 186 -13.69 10.48 16.17
CA GLN A 186 -13.67 11.92 16.00
C GLN A 186 -14.57 12.47 14.83
N THR A 187 -14.71 11.73 13.75
CA THR A 187 -15.43 12.19 12.60
C THR A 187 -16.86 11.62 12.54
N CYS A 188 -17.23 10.65 13.38
CA CYS A 188 -18.55 9.99 13.22
C CYS A 188 -19.35 10.12 14.50
N GLY A 189 -19.09 11.17 15.27
CA GLY A 189 -19.91 11.44 16.46
C GLY A 189 -19.70 10.49 17.62
N ASN A 190 -18.52 9.90 17.72
CA ASN A 190 -18.20 8.94 18.79
C ASN A 190 -19.16 7.75 18.90
N LEU A 191 -19.70 7.34 17.77
CA LEU A 191 -20.51 6.13 17.71
C LEU A 191 -19.66 4.95 18.14
N PRO A 192 -20.28 3.90 18.68
CA PRO A 192 -19.44 2.78 19.11
C PRO A 192 -18.60 2.20 18.00
N VAL A 193 -17.33 1.94 18.30
CA VAL A 193 -16.39 1.29 17.41
C VAL A 193 -15.98 -0.06 17.99
N ILE A 194 -16.07 -1.08 17.15
CA ILE A 194 -15.65 -2.40 17.52
C ILE A 194 -14.59 -2.89 16.55
N PHE A 195 -13.90 -3.97 16.94
CA PHE A 195 -12.77 -4.48 16.19
C PHE A 195 -12.97 -5.95 15.83
N ASP A 196 -13.15 -6.23 14.54
CA ASP A 196 -13.17 -7.61 14.01
C ASP A 196 -11.75 -8.09 13.82
N VAL A 197 -11.20 -8.74 14.85
CA VAL A 197 -9.84 -9.17 14.81
C VAL A 197 -9.66 -10.35 13.91
N THR A 198 -10.66 -11.20 13.81
CA THR A 198 -10.60 -12.43 13.03
C THR A 198 -10.42 -12.18 11.55
N HIS A 199 -11.28 -11.36 10.96
CA HIS A 199 -11.17 -11.02 9.51
C HIS A 199 -9.96 -10.15 9.19
N SER A 200 -9.52 -9.36 10.18
CA SER A 200 -8.30 -8.55 10.10
C SER A 200 -7.00 -9.33 9.91
N LEU A 201 -7.04 -10.65 10.12
CA LEU A 201 -5.90 -11.55 10.07
C LEU A 201 -6.03 -12.41 8.80
N GLN A 202 -5.64 -11.90 7.61
CA GLN A 202 -5.83 -12.64 6.28
C GLN A 202 -5.38 -14.11 6.29
N GLY A 213 1.94 -19.29 17.36
CA GLY A 213 1.25 -19.40 16.08
C GLY A 213 0.20 -18.32 15.92
N ARG A 214 -0.90 -18.65 15.21
CA ARG A 214 -2.05 -17.73 14.93
C ARG A 214 -2.82 -17.25 16.19
N ARG A 215 -2.83 -18.06 17.25
CA ARG A 215 -3.44 -17.71 18.55
C ARG A 215 -2.69 -16.53 19.15
N ALA A 216 -1.36 -16.56 19.07
CA ALA A 216 -0.56 -15.48 19.63
C ALA A 216 -0.78 -14.18 18.85
N GLN A 217 -0.99 -14.29 17.53
CA GLN A 217 -1.20 -13.10 16.71
C GLN A 217 -2.52 -12.44 16.95
N ALA A 218 -3.58 -13.25 17.08
CA ALA A 218 -4.88 -12.72 17.35
C ALA A 218 -4.88 -11.98 18.70
N LEU A 219 -4.21 -12.54 19.68
CA LEU A 219 -4.14 -11.90 21.01
C LEU A 219 -3.39 -10.54 20.99
N ASP A 220 -2.23 -10.50 20.36
CA ASP A 220 -1.46 -9.27 20.21
C ASP A 220 -2.25 -8.18 19.50
N LEU A 221 -2.91 -8.57 18.43
CA LEU A 221 -3.65 -7.64 17.61
C LEU A 221 -4.90 -7.15 18.35
N ALA A 222 -5.60 -8.06 19.04
CA ALA A 222 -6.74 -7.71 19.86
C ALA A 222 -6.37 -6.76 20.99
N LEU A 223 -5.28 -7.05 21.67
CA LEU A 223 -4.80 -6.20 22.72
C LEU A 223 -4.43 -4.80 22.24
N ALA A 224 -3.68 -4.73 21.12
CA ALA A 224 -3.29 -3.47 20.52
C ALA A 224 -4.52 -2.63 20.23
N GLY A 225 -5.52 -3.23 19.60
CA GLY A 225 -6.77 -2.48 19.24
C GLY A 225 -7.53 -2.04 20.47
N MET A 226 -7.70 -2.94 21.42
CA MET A 226 -8.47 -2.53 22.64
C MET A 226 -7.73 -1.53 23.50
N ALA A 227 -6.40 -1.41 23.35
CA ALA A 227 -5.66 -0.36 23.98
C ALA A 227 -6.07 1.08 23.54
N THR A 228 -6.69 1.21 22.37
CA THR A 228 -7.14 2.51 21.88
C THR A 228 -8.55 2.87 22.38
N ARG A 229 -9.14 2.03 23.21
CA ARG A 229 -10.37 2.35 23.90
C ARG A 229 -11.61 2.16 23.03
N LEU A 230 -12.07 0.92 22.93
CA LEU A 230 -13.10 0.57 21.98
C LEU A 230 -14.34 -0.03 22.68
N ALA A 231 -15.48 0.01 21.98
CA ALA A 231 -16.71 -0.53 22.53
C ALA A 231 -16.75 -2.01 22.53
N GLY A 232 -15.96 -2.67 21.71
CA GLY A 232 -16.17 -4.10 21.59
C GLY A 232 -15.20 -4.81 20.70
N LEU A 233 -15.28 -6.12 20.76
CA LEU A 233 -14.37 -7.00 20.05
C LEU A 233 -15.20 -8.07 19.34
N PHE A 234 -14.83 -8.37 18.14
CA PHE A 234 -15.65 -9.16 17.30
C PHE A 234 -14.77 -10.29 16.82
N LEU A 235 -15.16 -11.52 17.09
CA LEU A 235 -14.39 -12.66 16.61
C LEU A 235 -15.18 -13.92 16.32
N GLU A 236 -14.54 -14.82 15.58
CA GLU A 236 -15.05 -16.17 15.29
C GLU A 236 -14.24 -17.33 15.92
N LEU A 254 -5.69 -25.68 25.37
CA LEU A 254 -6.84 -26.51 25.78
C LEU A 254 -8.11 -25.71 26.19
N HIS A 255 -7.96 -24.50 26.73
CA HIS A 255 -9.09 -23.61 27.06
C HIS A 255 -8.91 -22.24 26.38
N LEU A 256 -8.87 -22.23 25.05
CA LEU A 256 -8.26 -21.10 24.38
C LEU A 256 -9.08 -19.80 24.47
N LEU A 257 -10.41 -19.86 24.34
CA LEU A 257 -11.23 -18.66 24.41
C LEU A 257 -11.12 -17.96 25.77
N GLU A 258 -11.25 -18.73 26.84
CA GLU A 258 -11.19 -18.13 28.14
C GLU A 258 -9.83 -17.47 28.44
N ASP A 259 -8.73 -18.10 28.04
CA ASP A 259 -7.40 -17.58 28.34
C ASP A 259 -7.22 -16.27 27.59
N PHE A 260 -7.74 -16.26 26.37
CA PHE A 260 -7.75 -15.06 25.56
C PHE A 260 -8.58 -13.90 26.18
N LEU A 261 -9.81 -14.18 26.57
CA LEU A 261 -10.72 -13.14 27.10
C LEU A 261 -10.29 -12.62 28.44
N ILE A 262 -9.63 -13.48 29.24
CA ILE A 262 -9.05 -13.03 30.52
C ILE A 262 -8.07 -11.89 30.29
N ARG A 263 -7.22 -12.03 29.25
CA ARG A 263 -6.25 -10.98 28.98
C ARG A 263 -6.90 -9.76 28.39
N ILE A 264 -7.89 -9.94 27.51
CA ILE A 264 -8.54 -8.77 26.92
C ILE A 264 -9.21 -7.98 28.01
N LYS A 265 -9.90 -8.66 28.90
CA LYS A 265 -10.69 -8.00 29.90
C LYS A 265 -9.81 -7.25 30.91
N ALA A 266 -8.68 -7.80 31.23
CA ALA A 266 -7.68 -7.08 32.07
C ALA A 266 -7.26 -5.74 31.47
N LEU A 267 -6.95 -5.74 30.17
CA LEU A 267 -6.52 -4.56 29.51
C LEU A 267 -7.67 -3.59 29.41
N ASP A 268 -8.81 -4.09 28.99
CA ASP A 268 -9.97 -3.26 28.83
C ASP A 268 -10.33 -2.60 30.16
N ASP A 269 -10.39 -3.35 31.25
CA ASP A 269 -10.66 -2.70 32.55
C ASP A 269 -9.67 -1.55 32.90
N LEU A 270 -8.39 -1.77 32.62
CA LEU A 270 -7.39 -0.77 32.91
C LEU A 270 -7.66 0.48 32.07
N ILE A 271 -7.84 0.28 30.81
CA ILE A 271 -7.97 1.42 29.90
C ILE A 271 -9.24 2.20 30.17
N LYS A 272 -10.35 1.49 30.39
CA LYS A 272 -11.60 2.18 30.66
C LYS A 272 -11.58 2.90 32.03
N SER A 273 -10.71 2.50 32.95
CA SER A 273 -10.69 3.15 34.27
C SER A 273 -9.89 4.44 34.24
N GLN A 274 -9.22 4.75 33.14
CA GLN A 274 -8.46 5.98 33.10
C GLN A 274 -9.21 7.01 32.35
N PRO A 275 -9.20 8.28 32.83
CA PRO A 275 -10.02 9.30 32.15
C PRO A 275 -9.42 9.65 30.82
N ILE A 276 -10.25 10.07 29.86
CA ILE A 276 -9.77 10.44 28.53
C ILE A 276 -9.03 11.76 28.64
N LEU A 277 -7.96 11.97 27.87
CA LEU A 277 -7.29 13.28 27.79
C LEU A 277 -7.11 13.73 26.36
N MET B 1 15.96 -12.28 24.65
CA MET B 1 17.34 -11.97 25.09
C MET B 1 17.36 -10.56 25.65
N ASP B 2 17.83 -10.43 26.86
CA ASP B 2 17.94 -9.13 27.53
C ASP B 2 19.28 -8.55 27.23
N ILE B 3 19.37 -7.23 27.36
CA ILE B 3 20.62 -6.51 27.18
C ILE B 3 20.80 -5.60 28.36
N LYS B 4 21.97 -5.64 28.97
CA LYS B 4 22.26 -4.80 30.14
C LYS B 4 22.86 -3.52 29.66
N ILE B 5 22.31 -2.39 30.08
CA ILE B 5 22.85 -1.10 29.72
C ILE B 5 23.09 -0.40 31.03
N ASN B 6 24.34 -0.45 31.51
CA ASN B 6 24.69 -0.09 32.92
C ASN B 6 23.79 -0.79 33.87
N ASP B 7 23.03 -0.05 34.68
CA ASP B 7 22.14 -0.68 35.63
C ASP B 7 20.77 -1.05 35.03
N ILE B 8 20.52 -0.69 33.78
CA ILE B 8 19.21 -0.96 33.14
C ILE B 8 19.21 -2.37 32.50
N THR B 9 18.13 -3.11 32.69
CA THR B 9 17.87 -4.26 31.93
C THR B 9 16.86 -3.96 30.83
N LEU B 10 17.26 -4.07 29.58
CA LEU B 10 16.35 -3.84 28.44
C LEU B 10 15.92 -5.21 27.89
N GLY B 11 14.62 -5.43 27.78
CA GLY B 11 14.18 -6.71 27.28
C GLY B 11 12.70 -6.76 27.13
N ASN B 12 12.23 -7.59 26.22
CA ASN B 12 10.79 -7.63 25.90
C ASN B 12 9.91 -8.12 27.04
N ASN B 13 10.51 -8.67 28.10
CA ASN B 13 9.77 -8.99 29.28
C ASN B 13 10.19 -8.23 30.48
N SER B 14 10.77 -7.05 30.33
CA SER B 14 11.18 -6.23 31.42
C SER B 14 10.44 -4.89 31.37
N PRO B 15 10.46 -4.14 32.48
CA PRO B 15 9.76 -2.88 32.45
C PRO B 15 10.28 -2.02 31.28
N PHE B 16 9.39 -1.24 30.66
CA PHE B 16 9.78 -0.58 29.44
C PHE B 16 10.79 0.51 29.74
N VAL B 17 11.70 0.69 28.82
CA VAL B 17 12.69 1.73 28.90
C VAL B 17 12.28 2.84 27.95
N LEU B 18 12.31 4.09 28.45
CA LEU B 18 12.10 5.26 27.62
C LEU B 18 13.37 5.82 26.99
N PHE B 19 13.36 6.00 25.66
CA PHE B 19 14.45 6.59 24.93
C PHE B 19 13.89 7.92 24.45
N GLY B 20 14.52 9.03 24.86
CA GLY B 20 14.05 10.37 24.59
C GLY B 20 15.12 11.44 24.75
N GLY B 21 15.00 12.50 23.92
CA GLY B 21 15.72 13.74 24.19
C GLY B 21 15.45 14.95 23.37
N ILE B 22 16.50 15.40 22.69
CA ILE B 22 16.42 16.42 21.63
C ILE B 22 16.96 15.93 20.32
N ASN B 23 16.56 16.65 19.27
CA ASN B 23 16.88 16.30 17.94
C ASN B 23 18.40 16.46 17.73
N VAL B 24 18.92 17.66 17.95
CA VAL B 24 20.30 17.96 17.69
C VAL B 24 20.97 18.67 18.87
N LEU B 25 22.17 18.25 19.23
CA LEU B 25 22.91 18.96 20.28
C LEU B 25 23.38 20.35 19.84
N GLU B 26 22.99 21.39 20.57
CA GLU B 26 23.42 22.77 20.32
C GLU B 26 24.48 23.31 21.27
N SER B 27 24.27 23.06 22.56
CA SER B 27 25.09 23.64 23.62
C SER B 27 24.96 22.78 24.84
N LEU B 28 25.93 22.87 25.71
CA LEU B 28 25.88 22.13 26.95
C LEU B 28 24.72 22.55 27.86
N ASP B 29 24.52 23.84 28.02
CA ASP B 29 23.45 24.37 28.87
C ASP B 29 22.04 23.95 28.43
N SER B 30 21.75 24.08 27.16
CA SER B 30 20.48 23.68 26.54
C SER B 30 20.19 22.16 26.77
N THR B 31 21.20 21.37 26.47
CA THR B 31 21.11 19.92 26.63
C THR B 31 20.83 19.50 28.06
N LEU B 32 21.55 20.07 29.02
CA LEU B 32 21.40 19.64 30.40
C LEU B 32 20.01 20.00 30.90
N GLN B 33 19.50 21.13 30.46
CA GLN B 33 18.18 21.58 30.89
C GLN B 33 17.07 20.67 30.40
N THR B 34 17.10 20.34 29.13
CA THR B 34 16.13 19.35 28.60
C THR B 34 16.25 17.97 29.25
N CYS B 35 17.48 17.47 29.33
CA CYS B 35 17.72 16.18 29.92
C CYS B 35 17.19 16.16 31.36
N ALA B 36 17.41 17.25 32.11
CA ALA B 36 16.92 17.34 33.51
C ALA B 36 15.40 17.19 33.61
N HIS B 37 14.67 17.72 32.64
CA HIS B 37 13.20 17.54 32.62
C HIS B 37 12.82 16.05 32.45
N TYR B 38 13.39 15.41 31.43
CA TYR B 38 13.15 13.97 31.24
C TYR B 38 13.52 13.17 32.48
N VAL B 39 14.72 13.41 33.02
CA VAL B 39 15.19 12.69 34.19
C VAL B 39 14.23 12.90 35.39
N GLU B 40 13.79 14.10 35.63
CA GLU B 40 12.93 14.34 36.79
C GLU B 40 11.57 13.63 36.64
N VAL B 41 10.98 13.65 35.45
CA VAL B 41 9.70 12.99 35.24
C VAL B 41 9.83 11.48 35.29
N THR B 42 10.84 10.94 34.64
CA THR B 42 11.07 9.51 34.69
C THR B 42 11.46 8.99 36.09
N ARG B 43 12.33 9.69 36.81
CA ARG B 43 12.67 9.30 38.19
C ARG B 43 11.46 9.24 39.08
N LYS B 44 10.62 10.24 38.95
CA LYS B 44 9.39 10.31 39.72
C LYS B 44 8.39 9.20 39.44
N LEU B 45 8.39 8.65 38.23
CA LEU B 45 7.53 7.50 37.89
C LEU B 45 8.26 6.17 37.97
N GLY B 46 9.56 6.22 38.24
CA GLY B 46 10.35 5.02 38.34
C GLY B 46 10.59 4.35 37.02
N ILE B 47 10.67 5.11 35.93
CA ILE B 47 10.85 4.55 34.56
C ILE B 47 12.32 4.67 34.08
N PRO B 48 12.91 3.58 33.58
CA PRO B 48 14.31 3.68 33.21
C PRO B 48 14.42 4.55 31.97
N TYR B 49 15.49 5.31 31.88
CA TYR B 49 15.58 6.38 30.91
C TYR B 49 16.94 6.47 30.25
N ILE B 50 16.94 6.62 28.91
CA ILE B 50 18.15 6.75 28.10
C ILE B 50 18.04 8.00 27.23
N PHE B 51 18.96 8.96 27.45
CA PHE B 51 18.89 10.26 26.80
C PHE B 51 19.43 10.15 25.37
N LYS B 52 18.70 10.72 24.43
CA LYS B 52 19.01 10.69 22.99
C LYS B 52 19.23 12.05 22.34
N ALA B 53 20.24 12.16 21.51
CA ALA B 53 20.44 13.36 20.73
C ALA B 53 21.37 13.03 19.60
N SER B 54 21.33 13.80 18.54
CA SER B 54 22.38 13.73 17.50
C SER B 54 23.43 14.85 17.65
N PHE B 55 24.70 14.52 17.46
CA PHE B 55 25.85 15.46 17.43
C PHE B 55 26.08 15.85 15.96
N ASP B 56 25.68 14.99 15.00
CA ASP B 56 25.85 15.37 13.61
C ASP B 56 24.83 14.70 12.73
N LYS B 57 23.79 15.47 12.43
CA LYS B 57 22.63 14.95 11.74
C LYS B 57 22.83 15.11 10.21
N ALA B 58 22.92 13.97 9.50
CA ALA B 58 23.18 13.94 8.06
C ALA B 58 21.90 14.01 7.25
N ASN B 59 20.80 13.80 7.91
CA ASN B 59 19.49 13.71 7.29
CA ASN B 59 19.51 13.80 7.22
C ASN B 59 18.57 14.87 7.70
N ARG B 60 18.85 16.06 7.19
N ARG B 60 18.81 16.09 7.28
CA ARG B 60 18.27 17.29 7.71
CA ARG B 60 18.13 17.20 7.87
C ARG B 60 17.15 17.73 6.77
C ARG B 60 17.16 17.74 6.83
N SER B 61 16.18 18.49 7.29
CA SER B 61 15.11 19.03 6.44
C SER B 61 15.61 19.95 5.36
N SER B 62 16.67 20.69 5.63
CA SER B 62 17.29 21.56 4.57
C SER B 62 18.74 21.32 4.63
N ILE B 63 19.41 21.72 3.55
CA ILE B 63 20.84 21.71 3.41
C ILE B 63 21.55 22.47 4.53
N HIS B 64 21.07 23.65 4.84
CA HIS B 64 21.76 24.48 5.86
C HIS B 64 21.17 24.47 7.24
N SER B 65 20.22 23.56 7.50
CA SER B 65 19.72 23.38 8.86
C SER B 65 20.96 22.95 9.69
N TYR B 66 20.99 23.30 10.97
CA TYR B 66 22.19 23.05 11.78
C TYR B 66 22.41 21.54 11.99
N ARG B 67 23.59 21.06 11.66
CA ARG B 67 23.90 19.65 11.80
C ARG B 67 24.05 19.17 13.24
N GLY B 68 24.33 20.07 14.14
CA GLY B 68 24.74 19.78 15.48
C GLY B 68 26.15 20.28 15.75
N VAL B 69 26.58 20.30 17.02
CA VAL B 69 27.90 20.79 17.49
C VAL B 69 29.06 20.01 17.01
N GLY B 70 28.84 18.80 16.52
CA GLY B 70 29.90 18.03 15.94
C GLY B 70 30.44 17.02 16.91
N LEU B 71 31.28 16.15 16.39
CA LEU B 71 31.74 15.02 17.11
C LEU B 71 32.47 15.36 18.43
N GLU B 72 33.45 16.25 18.35
CA GLU B 72 34.30 16.53 19.48
C GLU B 72 33.54 17.18 20.64
N GLU B 73 32.84 18.25 20.35
CA GLU B 73 32.06 18.94 21.38
C GLU B 73 30.86 18.05 21.81
N GLY B 74 30.25 17.33 20.86
CA GLY B 74 29.11 16.51 21.18
C GLY B 74 29.46 15.48 22.20
N LEU B 75 30.58 14.78 21.99
CA LEU B 75 30.99 13.74 22.94
C LEU B 75 31.28 14.35 24.34
N LYS B 76 31.85 15.55 24.36
CA LYS B 76 32.03 16.27 25.63
C LYS B 76 30.69 16.44 26.32
N ILE B 77 29.68 16.83 25.56
CA ILE B 77 28.37 17.06 26.15
C ILE B 77 27.78 15.79 26.73
N PHE B 78 27.88 14.70 25.98
CA PHE B 78 27.41 13.44 26.42
C PHE B 78 28.11 12.99 27.71
N GLU B 79 29.42 13.25 27.83
CA GLU B 79 30.15 12.87 29.04
C GLU B 79 29.61 13.61 30.22
N LYS B 80 29.33 14.88 30.03
CA LYS B 80 28.72 15.67 31.10
C LYS B 80 27.32 15.20 31.47
N VAL B 81 26.52 14.82 30.47
CA VAL B 81 25.21 14.26 30.75
C VAL B 81 25.33 12.98 31.59
N LYS B 82 26.20 12.05 31.18
CA LYS B 82 26.42 10.82 31.96
C LYS B 82 26.91 11.12 33.40
N ALA B 83 27.82 12.07 33.55
CA ALA B 83 28.39 12.36 34.87
C ALA B 83 27.34 13.01 35.77
N GLU B 84 26.59 13.99 35.25
CA GLU B 84 25.59 14.68 36.06
C GLU B 84 24.40 13.84 36.43
N PHE B 85 23.91 13.02 35.49
CA PHE B 85 22.67 12.34 35.77
C PHE B 85 22.86 10.85 36.06
N GLY B 86 24.00 10.28 35.70
CA GLY B 86 24.24 8.82 35.87
C GLY B 86 23.36 7.93 34.98
N ILE B 87 23.02 8.40 33.77
CA ILE B 87 22.15 7.67 32.88
C ILE B 87 22.97 7.29 31.65
N PRO B 88 22.53 6.27 30.90
CA PRO B 88 23.07 5.96 29.56
C PRO B 88 22.53 6.94 28.52
N VAL B 89 23.24 7.02 27.40
CA VAL B 89 22.93 7.90 26.32
C VAL B 89 22.97 7.14 25.03
N ILE B 90 22.32 7.71 24.02
CA ILE B 90 22.22 7.09 22.69
C ILE B 90 22.38 8.21 21.64
N THR B 91 23.12 7.93 20.59
CA THR B 91 23.28 8.83 19.49
C THR B 91 23.48 8.06 18.19
N ASP B 92 23.08 8.68 17.08
CA ASP B 92 23.26 8.10 15.74
C ASP B 92 24.63 8.40 15.13
N VAL B 93 25.09 7.46 14.30
CA VAL B 93 26.31 7.64 13.59
C VAL B 93 26.02 7.42 12.08
N HIS B 94 26.61 8.21 11.22
CA HIS B 94 26.39 7.94 9.80
C HIS B 94 27.64 7.67 9.03
N GLU B 95 28.81 7.79 9.64
CA GLU B 95 30.07 7.49 8.95
C GLU B 95 30.82 6.42 9.74
N PRO B 96 31.33 5.41 9.03
CA PRO B 96 32.12 4.37 9.66
C PRO B 96 33.23 4.85 10.60
N HIS B 97 34.04 5.81 10.14
CA HIS B 97 35.14 6.34 10.96
C HIS B 97 34.67 7.00 12.26
N GLN B 98 33.41 7.38 12.35
CA GLN B 98 32.89 7.98 13.61
C GLN B 98 32.60 6.95 14.74
N CYS B 99 32.42 5.70 14.35
CA CYS B 99 31.89 4.69 15.27
C CYS B 99 32.70 4.48 16.51
N GLN B 100 34.01 4.32 16.33
CA GLN B 100 34.86 4.02 17.46
C GLN B 100 34.97 5.13 18.48
N PRO B 101 35.22 6.35 18.03
CA PRO B 101 35.27 7.40 19.05
C PRO B 101 33.96 7.68 19.72
N VAL B 102 32.86 7.54 18.97
CA VAL B 102 31.55 7.70 19.59
C VAL B 102 31.32 6.63 20.65
N ALA B 103 31.68 5.39 20.32
CA ALA B 103 31.41 4.23 21.19
C ALA B 103 32.23 4.29 22.48
N GLU B 104 33.31 5.06 22.51
CA GLU B 104 34.09 5.23 23.73
C GLU B 104 33.25 5.89 24.80
N VAL B 105 32.25 6.65 24.38
CA VAL B 105 31.44 7.47 25.31
C VAL B 105 29.97 7.08 25.34
N CYS B 106 29.37 6.87 24.15
CA CYS B 106 27.94 6.63 24.07
C CYS B 106 27.63 5.17 24.28
N ASP B 107 26.77 4.91 25.26
CA ASP B 107 26.38 3.54 25.61
C ASP B 107 25.71 2.84 24.43
N VAL B 108 24.79 3.51 23.74
CA VAL B 108 24.11 2.90 22.56
C VAL B 108 24.41 3.73 21.36
N ILE B 109 24.73 3.09 20.26
CA ILE B 109 24.90 3.78 19.02
C ILE B 109 23.78 3.32 18.06
N GLN B 110 23.29 4.25 17.26
CA GLN B 110 22.09 4.02 16.44
C GLN B 110 22.36 4.08 14.95
N LEU B 111 21.88 3.06 14.24
CA LEU B 111 22.00 2.88 12.81
C LEU B 111 20.78 3.54 12.15
N PRO B 112 20.97 4.68 11.48
CA PRO B 112 19.77 5.31 10.90
C PRO B 112 19.08 4.42 9.85
N ALA B 113 17.78 4.53 9.76
CA ALA B 113 16.98 3.67 8.88
C ALA B 113 17.50 3.73 7.44
N PHE B 114 17.80 4.93 6.93
CA PHE B 114 18.18 5.05 5.54
C PHE B 114 19.56 4.40 5.27
N LEU B 115 20.37 4.18 6.31
CA LEU B 115 21.70 3.58 6.14
C LEU B 115 21.77 2.14 6.57
N ALA B 116 20.60 1.56 6.91
CA ALA B 116 20.51 0.27 7.56
C ALA B 116 21.06 -0.87 6.71
N ARG B 117 21.10 -0.66 5.41
CA ARG B 117 21.63 -1.67 4.55
C ARG B 117 23.08 -1.40 4.20
N GLN B 118 23.68 -0.31 4.68
CA GLN B 118 25.02 0.04 4.24
C GLN B 118 26.01 -0.83 5.00
N THR B 119 26.50 -1.83 4.29
CA THR B 119 27.37 -2.81 4.87
C THR B 119 28.59 -2.25 5.62
N ASP B 120 29.28 -1.24 5.10
CA ASP B 120 30.45 -0.70 5.79
C ASP B 120 30.08 -0.10 7.15
N LEU B 121 28.94 0.56 7.23
CA LEU B 121 28.54 1.20 8.48
C LEU B 121 28.13 0.13 9.49
N VAL B 122 27.38 -0.85 9.04
CA VAL B 122 27.05 -1.99 9.86
C VAL B 122 28.29 -2.62 10.47
N VAL B 123 29.30 -2.85 9.66
CA VAL B 123 30.49 -3.52 10.13
C VAL B 123 31.21 -2.67 11.17
N ALA B 124 31.41 -1.40 10.86
CA ALA B 124 32.16 -0.54 11.75
C ALA B 124 31.35 -0.38 13.07
N MET B 125 30.04 -0.29 12.99
CA MET B 125 29.23 -0.31 14.23
C MET B 125 29.38 -1.56 15.07
N ALA B 126 29.35 -2.70 14.38
CA ALA B 126 29.47 -3.98 15.04
C ALA B 126 30.78 -4.06 15.78
N LYS B 127 31.85 -3.67 15.12
CA LYS B 127 33.17 -3.85 15.69
C LYS B 127 33.38 -2.99 16.97
N THR B 128 32.54 -1.98 17.23
CA THR B 128 32.66 -1.29 18.49
C THR B 128 32.39 -2.17 19.73
N GLY B 129 31.66 -3.25 19.56
CA GLY B 129 31.24 -4.08 20.68
C GLY B 129 30.12 -3.39 21.48
N ASN B 130 29.69 -2.18 21.08
CA ASN B 130 28.62 -1.47 21.81
C ASN B 130 27.24 -1.99 21.47
N VAL B 131 26.31 -1.67 22.39
CA VAL B 131 24.90 -1.93 22.13
C VAL B 131 24.51 -1.07 20.93
N VAL B 132 23.79 -1.67 19.98
CA VAL B 132 23.37 -1.02 18.75
C VAL B 132 21.85 -0.97 18.59
N ASN B 133 21.30 0.18 18.18
CA ASN B 133 19.84 0.30 17.89
C ASN B 133 19.65 0.36 16.42
N ILE B 134 19.02 -0.68 15.86
CA ILE B 134 18.75 -0.75 14.43
C ILE B 134 17.36 -0.17 14.05
N LYS B 135 17.36 0.97 13.41
CA LYS B 135 16.11 1.56 12.96
C LYS B 135 15.59 0.85 11.72
N LYS B 136 14.38 0.32 11.78
CA LYS B 136 13.77 -0.42 10.67
C LYS B 136 13.33 0.52 9.56
N PRO B 137 13.91 0.39 8.38
CA PRO B 137 13.41 1.19 7.25
C PRO B 137 11.92 0.98 7.02
N GLN B 138 11.27 2.03 6.59
CA GLN B 138 9.84 1.97 6.29
C GLN B 138 9.48 1.10 5.08
N GLY B 139 10.48 0.82 4.25
CA GLY B 139 10.30 -0.10 3.14
C GLY B 139 10.72 -1.54 3.37
N LEU B 140 11.10 -1.89 4.60
CA LEU B 140 11.61 -3.25 4.88
C LEU B 140 10.57 -4.04 5.64
N SER B 141 10.21 -5.22 5.16
CA SER B 141 9.21 -6.04 5.89
C SER B 141 9.82 -6.57 7.18
N PRO B 142 9.00 -6.74 8.20
CA PRO B 142 9.52 -7.24 9.46
C PRO B 142 10.25 -8.58 9.38
N SER B 143 9.86 -9.45 8.46
CA SER B 143 10.60 -10.74 8.27
C SER B 143 11.96 -10.59 7.61
N GLN B 144 12.34 -9.41 7.19
CA GLN B 144 13.68 -9.20 6.63
C GLN B 144 14.60 -8.52 7.60
N MET B 145 14.13 -8.11 8.75
CA MET B 145 15.06 -7.56 9.76
C MET B 145 16.16 -8.58 10.15
N LYS B 146 15.83 -9.87 10.10
CA LYS B 146 16.77 -10.93 10.38
C LYS B 146 18.03 -10.82 9.51
N ASN B 147 17.94 -10.23 8.32
CA ASN B 147 19.12 -10.07 7.45
C ASN B 147 20.08 -8.99 7.94
N ILE B 148 19.55 -7.94 8.54
CA ILE B 148 20.38 -6.97 9.15
C ILE B 148 21.04 -7.58 10.41
N VAL B 149 20.24 -8.27 11.22
CA VAL B 149 20.73 -8.97 12.35
C VAL B 149 21.88 -9.93 12.01
N GLU B 150 21.71 -10.70 10.95
CA GLU B 150 22.70 -11.66 10.47
C GLU B 150 24.05 -11.00 10.20
N LYS B 151 24.02 -9.82 9.62
CA LYS B 151 25.23 -9.10 9.26
C LYS B 151 25.95 -8.59 10.49
N PHE B 152 25.19 -8.10 11.48
CA PHE B 152 25.79 -7.74 12.77
C PHE B 152 26.44 -8.98 13.45
N HIS B 153 25.76 -10.12 13.41
CA HIS B 153 26.30 -11.37 13.96
C HIS B 153 27.59 -11.84 13.24
N GLU B 154 27.59 -11.82 11.90
CA GLU B 154 28.77 -12.11 11.13
C GLU B 154 29.95 -11.25 11.52
N ALA B 155 29.66 -9.98 11.81
CA ALA B 155 30.67 -9.03 12.16
C ALA B 155 31.00 -9.01 13.68
N GLY B 156 30.40 -9.90 14.45
CA GLY B 156 30.82 -10.19 15.83
C GLY B 156 30.04 -9.50 16.95
N ASN B 157 28.84 -8.94 16.71
CA ASN B 157 28.08 -8.21 17.73
C ASN B 157 26.60 -8.65 17.76
N GLY B 158 26.15 -9.18 18.89
CA GLY B 158 24.76 -9.60 19.06
C GLY B 158 23.94 -8.72 20.00
N LYS B 159 24.53 -7.60 20.41
CA LYS B 159 23.82 -6.67 21.36
C LYS B 159 22.99 -5.65 20.59
N LEU B 160 21.89 -6.14 20.00
CA LEU B 160 21.12 -5.38 19.02
C LEU B 160 19.69 -5.16 19.48
N ILE B 161 19.23 -3.94 19.30
CA ILE B 161 17.86 -3.52 19.60
C ILE B 161 17.21 -3.23 18.26
N LEU B 162 15.94 -3.63 18.11
CA LEU B 162 15.19 -3.45 16.85
C LEU B 162 14.17 -2.38 17.07
N CYS B 163 14.15 -1.37 16.20
CA CYS B 163 13.33 -0.21 16.42
C CYS B 163 12.36 -0.05 15.27
N GLU B 164 11.11 -0.25 15.57
CA GLU B 164 10.00 -0.08 14.65
C GLU B 164 9.70 1.43 14.46
N ARG B 165 9.49 1.85 13.23
CA ARG B 165 9.08 3.19 12.96
C ARG B 165 7.98 3.36 11.97
N GLY B 166 7.31 2.27 11.64
CA GLY B 166 6.23 2.33 10.65
C GLY B 166 6.63 1.86 9.27
N SER B 167 5.61 1.60 8.43
CA SER B 167 5.80 1.04 7.06
C SER B 167 5.08 1.85 6.02
N SER B 168 5.67 1.94 4.81
CA SER B 168 5.08 2.73 3.73
C SER B 168 3.69 2.19 3.41
N PHE B 169 2.68 3.09 3.36
CA PHE B 169 1.30 2.73 3.14
C PHE B 169 0.74 3.61 2.05
N GLY B 170 0.78 3.14 0.81
CA GLY B 170 0.38 3.98 -0.33
C GLY B 170 1.37 5.13 -0.42
N TYR B 171 0.91 6.30 -0.81
CA TYR B 171 1.73 7.48 -0.81
C TYR B 171 1.69 8.23 0.50
N ASP B 172 2.88 8.57 0.96
CA ASP B 172 3.11 9.46 2.07
C ASP B 172 2.81 8.84 3.44
N ASN B 173 1.67 8.23 3.58
CA ASN B 173 1.28 7.71 4.85
C ASN B 173 2.17 6.60 5.32
N LEU B 174 2.30 6.52 6.63
CA LEU B 174 2.89 5.36 7.31
C LEU B 174 1.83 4.73 8.18
N VAL B 175 1.86 3.41 8.24
CA VAL B 175 1.06 2.65 9.18
C VAL B 175 1.98 1.72 9.90
N VAL B 176 1.67 1.53 11.15
CA VAL B 176 2.38 0.60 11.96
C VAL B 176 1.60 -0.73 12.08
N ASP B 177 2.23 -1.77 11.60
CA ASP B 177 1.66 -3.12 11.66
C ASP B 177 1.99 -3.69 13.03
N MET B 178 0.95 -3.79 13.86
CA MET B 178 1.11 -4.34 15.20
C MET B 178 1.53 -5.81 15.21
N LEU B 179 1.35 -6.54 14.12
CA LEU B 179 1.90 -7.90 14.00
C LEU B 179 3.38 -7.95 13.71
N GLY B 180 3.97 -6.82 13.26
CA GLY B 180 5.37 -6.83 12.89
C GLY B 180 6.25 -7.08 14.08
N PHE B 181 5.84 -6.58 15.24
CA PHE B 181 6.62 -6.76 16.47
C PHE B 181 6.85 -8.23 16.77
N GLY B 182 5.81 -9.01 16.68
CA GLY B 182 5.86 -10.44 16.92
C GLY B 182 6.65 -11.20 15.87
N VAL B 183 6.55 -10.77 14.63
CA VAL B 183 7.36 -11.38 13.57
C VAL B 183 8.86 -11.17 13.86
N MET B 184 9.19 -9.97 14.30
CA MET B 184 10.60 -9.64 14.56
C MET B 184 11.12 -10.46 15.77
N LYS B 185 10.31 -10.55 16.81
CA LYS B 185 10.66 -11.37 17.93
C LYS B 185 10.92 -12.83 17.54
N GLN B 186 10.03 -13.42 16.76
CA GLN B 186 10.12 -14.83 16.36
C GLN B 186 11.28 -15.11 15.44
N THR B 187 11.61 -14.18 14.56
CA THR B 187 12.61 -14.43 13.54
C THR B 187 14.00 -13.91 13.93
N CYS B 188 14.12 -13.08 14.97
CA CYS B 188 15.40 -12.45 15.27
C CYS B 188 15.86 -12.80 16.64
N GLY B 189 15.50 -13.97 17.13
CA GLY B 189 15.95 -14.45 18.42
C GLY B 189 15.40 -13.73 19.67
N ASN B 190 14.21 -13.15 19.58
CA ASN B 190 13.63 -12.38 20.69
C ASN B 190 14.57 -11.27 21.25
N LEU B 191 15.32 -10.64 20.39
CA LEU B 191 16.06 -9.42 20.73
C LEU B 191 15.08 -8.35 21.20
N PRO B 192 15.52 -7.39 22.04
CA PRO B 192 14.63 -6.31 22.42
C PRO B 192 14.10 -5.48 21.26
N VAL B 193 12.82 -5.22 21.29
CA VAL B 193 12.12 -4.47 20.28
C VAL B 193 11.57 -3.24 20.95
N ILE B 194 11.84 -2.10 20.32
CA ILE B 194 11.35 -0.80 20.81
C ILE B 194 10.57 -0.15 19.70
N PHE B 195 9.74 0.81 20.08
CA PHE B 195 8.80 1.46 19.17
C PHE B 195 9.08 2.96 19.11
N ASP B 196 9.56 3.44 17.95
CA ASP B 196 9.62 4.89 17.66
C ASP B 196 8.25 5.41 17.23
N VAL B 197 7.46 5.83 18.19
CA VAL B 197 6.11 6.27 17.89
C VAL B 197 6.14 7.57 17.12
N THR B 198 7.11 8.42 17.39
CA THR B 198 7.10 9.74 16.83
C THR B 198 7.22 9.76 15.31
N HIS B 199 8.17 9.02 14.77
CA HIS B 199 8.38 9.01 13.33
C HIS B 199 7.17 8.42 12.69
N SER B 200 6.62 7.46 13.37
CA SER B 200 5.63 6.63 12.84
C SER B 200 4.46 7.48 12.41
N LEU B 201 4.39 8.70 12.94
CA LEU B 201 3.30 9.62 12.90
C LEU B 201 3.51 10.89 12.10
N GLN B 202 4.74 11.19 11.68
CA GLN B 202 5.09 12.58 11.27
C GLN B 202 4.26 12.98 10.04
N THR B 203 3.84 11.95 9.29
CA THR B 203 3.04 12.02 8.03
C THR B 203 1.49 11.82 8.19
N ARG B 204 1.00 11.86 9.45
CA ARG B 204 -0.42 11.62 9.75
C ARG B 204 -1.03 12.83 10.49
N GLY B 212 -7.42 15.90 20.85
CA GLY B 212 -6.04 15.98 21.34
C GLY B 212 -4.93 16.20 20.31
N GLY B 213 -5.27 16.23 19.01
CA GLY B 213 -4.31 16.53 17.95
C GLY B 213 -3.34 15.38 17.73
N ARG B 214 -2.07 15.72 17.49
CA ARG B 214 -0.92 14.76 17.44
C ARG B 214 -0.76 14.05 18.80
N ARG B 215 -1.06 14.75 19.91
CA ARG B 215 -0.87 14.24 21.28
C ARG B 215 -1.77 13.05 21.52
N ALA B 216 -3.06 13.17 21.18
CA ALA B 216 -4.01 12.07 21.41
C ALA B 216 -3.69 10.89 20.50
N GLN B 217 -3.21 11.17 19.28
CA GLN B 217 -2.77 10.10 18.39
C GLN B 217 -1.53 9.37 18.84
N ALA B 218 -0.54 10.12 19.33
CA ALA B 218 0.70 9.52 19.81
C ALA B 218 0.41 8.59 20.98
N LEU B 219 -0.51 9.01 21.83
CA LEU B 219 -0.89 8.20 22.98
C LEU B 219 -1.61 6.89 22.59
N ASP B 220 -2.58 6.96 21.70
CA ASP B 220 -3.26 5.78 21.21
C ASP B 220 -2.29 4.78 20.54
N LEU B 221 -1.39 5.32 19.72
CA LEU B 221 -0.49 4.50 18.96
C LEU B 221 0.57 3.89 19.86
N ALA B 222 1.07 4.66 20.81
CA ALA B 222 2.01 4.15 21.84
C ALA B 222 1.39 3.07 22.71
N LEU B 223 0.15 3.28 23.15
CA LEU B 223 -0.55 2.27 23.89
C LEU B 223 -0.75 0.97 23.11
N ALA B 224 -1.17 1.10 21.85
CA ALA B 224 -1.42 -0.05 21.00
C ALA B 224 -0.13 -0.86 20.88
N GLY B 225 0.96 -0.18 20.60
CA GLY B 225 2.25 -0.85 20.39
C GLY B 225 2.74 -1.53 21.68
N MET B 226 2.66 -0.80 22.79
CA MET B 226 3.14 -1.39 24.03
C MET B 226 2.29 -2.56 24.47
N ALA B 227 1.03 -2.62 24.00
CA ALA B 227 0.15 -3.70 24.38
C ALA B 227 0.69 -5.05 23.87
N THR B 228 1.54 -5.00 22.83
CA THR B 228 2.13 -6.21 22.26
C THR B 228 3.36 -6.68 22.98
N ARG B 229 3.71 -6.01 24.08
CA ARG B 229 4.77 -6.45 24.97
C ARG B 229 6.17 -6.15 24.46
N LEU B 230 6.64 -4.94 24.70
CA LEU B 230 7.85 -4.45 24.03
C LEU B 230 8.85 -3.93 25.06
N ALA B 231 10.10 -3.93 24.66
CA ALA B 231 11.18 -3.51 25.55
C ALA B 231 11.21 -2.06 25.79
N GLY B 232 10.67 -1.27 24.89
CA GLY B 232 10.84 0.16 25.07
C GLY B 232 10.09 1.05 24.13
N LEU B 233 10.11 2.34 24.44
CA LEU B 233 9.38 3.35 23.71
C LEU B 233 10.32 4.49 23.40
N PHE B 234 10.24 5.00 22.19
CA PHE B 234 11.22 5.90 21.66
C PHE B 234 10.46 7.11 21.15
N LEU B 235 10.70 8.27 21.75
CA LEU B 235 10.13 9.52 21.31
C LEU B 235 11.18 10.44 20.66
N GLU B 236 10.95 10.93 19.43
CA GLU B 236 11.78 11.99 18.81
C GLU B 236 11.01 13.29 19.19
N SER B 237 11.41 14.06 20.19
CA SER B 237 10.62 15.28 20.58
C SER B 237 11.27 16.55 20.04
N HIS B 255 5.16 17.12 32.43
CA HIS B 255 3.66 17.29 32.83
C HIS B 255 2.55 16.84 31.79
N LEU B 256 2.72 17.39 30.61
CA LEU B 256 2.30 16.78 29.38
C LEU B 256 3.01 15.38 29.19
N LEU B 257 4.33 15.39 29.24
CA LEU B 257 5.14 14.16 29.23
C LEU B 257 4.74 13.24 30.39
N GLU B 258 4.57 13.80 31.57
CA GLU B 258 4.21 13.03 32.71
C GLU B 258 2.84 12.30 32.60
N ASP B 259 1.81 13.00 32.15
CA ASP B 259 0.48 12.36 31.96
C ASP B 259 0.58 11.24 30.94
N PHE B 260 1.36 11.48 29.90
CA PHE B 260 1.54 10.49 28.87
C PHE B 260 2.21 9.23 29.44
N LEU B 261 3.32 9.41 30.16
CA LEU B 261 4.12 8.30 30.65
C LEU B 261 3.40 7.55 31.77
N ILE B 262 2.58 8.23 32.52
CA ILE B 262 1.71 7.55 33.52
C ILE B 262 0.81 6.51 32.83
N ARG B 263 0.24 6.86 31.68
CA ARG B 263 -0.63 5.94 30.99
C ARG B 263 0.16 4.82 30.37
N ILE B 264 1.32 5.13 29.83
CA ILE B 264 2.12 4.07 29.17
C ILE B 264 2.56 3.08 30.25
N LYS B 265 3.02 3.60 31.37
CA LYS B 265 3.51 2.77 32.47
C LYS B 265 2.40 1.87 33.05
N ALA B 266 1.21 2.40 33.14
CA ALA B 266 0.08 1.61 33.65
C ALA B 266 -0.16 0.36 32.77
N LEU B 267 -0.21 0.57 31.45
CA LEU B 267 -0.43 -0.52 30.52
C LEU B 267 0.76 -1.46 30.56
N ASP B 268 1.96 -0.89 30.53
CA ASP B 268 3.16 -1.71 30.52
C ASP B 268 3.25 -2.57 31.76
N ASP B 269 3.01 -2.02 32.93
CA ASP B 269 2.98 -2.87 34.16
C ASP B 269 1.96 -4.00 34.08
N LEU B 270 0.76 -3.71 33.58
CA LEU B 270 -0.24 -4.73 33.47
C LEU B 270 0.26 -5.84 32.56
N ILE B 271 0.69 -5.47 31.39
CA ILE B 271 1.05 -6.46 30.43
C ILE B 271 2.22 -7.28 30.95
N LYS B 272 3.24 -6.63 31.51
CA LYS B 272 4.48 -7.35 31.84
C LYS B 272 4.25 -8.21 33.05
N SER B 273 3.21 -7.92 33.85
CA SER B 273 2.96 -8.71 35.00
C SER B 273 2.26 -10.01 34.63
N GLN B 274 1.82 -10.20 33.42
CA GLN B 274 1.11 -11.42 33.09
C GLN B 274 2.05 -12.30 32.35
N PRO B 275 2.04 -13.60 32.65
CA PRO B 275 2.91 -14.50 31.89
C PRO B 275 2.50 -14.59 30.42
N ILE B 276 3.44 -14.85 29.53
CA ILE B 276 3.15 -15.00 28.11
C ILE B 276 2.29 -16.26 27.92
N LEU B 277 1.31 -16.29 27.01
CA LEU B 277 0.51 -17.55 26.74
C LEU B 277 1.36 -18.84 26.74
N THR B 278 0.74 -19.98 27.02
CA THR B 278 1.52 -21.23 27.18
C THR B 278 1.05 -22.45 26.33
N ILE B 279 1.98 -23.02 25.56
CA ILE B 279 1.76 -24.26 24.79
C ILE B 279 1.83 -25.51 25.72
N MET C 1 -7.91 -16.36 -26.29
CA MET C 1 -9.26 -16.78 -26.77
C MET C 1 -10.02 -15.53 -27.16
N ASP C 2 -10.52 -15.52 -28.39
CA ASP C 2 -11.35 -14.40 -28.87
C ASP C 2 -12.78 -14.64 -28.52
N ILE C 3 -13.56 -13.55 -28.50
CA ILE C 3 -15.00 -13.62 -28.29
C ILE C 3 -15.70 -12.80 -29.39
N LYS C 4 -16.72 -13.37 -29.99
CA LYS C 4 -17.46 -12.69 -31.07
C LYS C 4 -18.60 -11.95 -30.44
N ILE C 5 -18.75 -10.68 -30.71
CA ILE C 5 -19.90 -9.92 -30.22
C ILE C 5 -20.56 -9.29 -31.43
N ASN C 6 -21.64 -9.93 -31.89
CA ASN C 6 -22.18 -9.70 -33.25
C ASN C 6 -21.04 -9.74 -34.27
N ASP C 7 -20.78 -8.66 -35.00
CA ASP C 7 -19.70 -8.65 -36.01
C ASP C 7 -18.35 -8.22 -35.50
N ILE C 8 -18.25 -7.94 -34.23
CA ILE C 8 -16.96 -7.55 -33.61
C ILE C 8 -16.19 -8.78 -33.12
N THR C 9 -14.89 -8.82 -33.38
CA THR C 9 -14.00 -9.81 -32.76
C THR C 9 -13.21 -9.17 -31.62
N LEU C 10 -13.46 -9.59 -30.39
CA LEU C 10 -12.77 -9.02 -29.22
C LEU C 10 -11.71 -10.00 -28.78
N GLY C 11 -10.49 -9.53 -28.62
CA GLY C 11 -9.41 -10.42 -28.32
C GLY C 11 -8.12 -9.68 -28.13
N ASN C 12 -7.27 -10.22 -27.26
CA ASN C 12 -5.99 -9.57 -26.91
C ASN C 12 -4.98 -9.40 -28.05
N ASN C 13 -5.24 -10.06 -29.15
CA ASN C 13 -4.45 -9.79 -30.32
C ASN C 13 -5.21 -9.22 -31.48
N SER C 14 -6.32 -8.56 -31.22
CA SER C 14 -7.18 -8.01 -32.25
C SER C 14 -7.21 -6.49 -32.06
N PRO C 15 -7.64 -5.77 -33.12
CA PRO C 15 -7.69 -4.31 -32.91
C PRO C 15 -8.55 -4.00 -31.66
N PHE C 16 -8.15 -2.98 -30.91
CA PHE C 16 -8.88 -2.71 -29.68
C PHE C 16 -10.30 -2.32 -29.90
N VAL C 17 -11.15 -2.75 -28.98
CA VAL C 17 -12.59 -2.38 -29.00
C VAL C 17 -12.83 -1.34 -27.94
N LEU C 18 -13.53 -0.27 -28.30
CA LEU C 18 -13.89 0.76 -27.34
C LEU C 18 -15.25 0.44 -26.72
N PHE C 19 -15.29 0.38 -25.38
CA PHE C 19 -16.50 0.28 -24.62
C PHE C 19 -16.66 1.69 -24.03
N GLY C 20 -17.70 2.41 -24.43
CA GLY C 20 -17.84 3.79 -24.05
C GLY C 20 -19.27 4.24 -24.04
N GLY C 21 -19.57 5.09 -23.07
CA GLY C 21 -20.81 5.82 -23.09
C GLY C 21 -20.91 6.71 -21.87
N ILE C 22 -22.05 6.60 -21.21
CA ILE C 22 -22.41 7.45 -20.08
C ILE C 22 -22.54 6.60 -18.83
N ASN C 23 -22.52 7.29 -17.71
CA ASN C 23 -22.60 6.68 -16.39
C ASN C 23 -23.98 6.03 -16.14
N VAL C 24 -25.02 6.84 -16.20
CA VAL C 24 -26.38 6.42 -15.88
C VAL C 24 -27.35 6.87 -16.92
N LEU C 25 -28.26 6.00 -17.37
CA LEU C 25 -29.28 6.40 -18.31
C LEU C 25 -30.29 7.35 -17.64
N GLU C 26 -30.46 8.56 -18.16
CA GLU C 26 -31.39 9.60 -17.63
C GLU C 26 -32.50 10.06 -18.53
N SER C 27 -32.33 9.96 -19.86
CA SER C 27 -33.35 10.25 -20.87
C SER C 27 -33.04 9.57 -22.20
N LEU C 28 -34.04 9.41 -23.05
CA LEU C 28 -33.82 8.78 -24.37
C LEU C 28 -33.05 9.74 -25.31
N ASP C 29 -33.49 10.99 -25.39
CA ASP C 29 -32.93 11.97 -26.34
C ASP C 29 -31.47 12.25 -26.08
N SER C 30 -31.12 12.47 -24.84
CA SER C 30 -29.76 12.68 -24.50
C SER C 30 -28.86 11.44 -24.67
N THR C 31 -29.34 10.26 -24.32
CA THR C 31 -28.61 9.00 -24.58
C THR C 31 -28.31 8.85 -26.06
N LEU C 32 -29.31 9.05 -26.91
CA LEU C 32 -29.09 8.89 -28.36
C LEU C 32 -28.09 9.91 -28.90
N GLN C 33 -28.14 11.12 -28.34
CA GLN C 33 -27.26 12.20 -28.79
C GLN C 33 -25.81 11.88 -28.42
N THR C 34 -25.57 11.42 -27.19
CA THR C 34 -24.23 11.01 -26.81
C THR C 34 -23.76 9.83 -27.64
N CYS C 35 -24.61 8.82 -27.76
CA CYS C 35 -24.24 7.62 -28.53
C CYS C 35 -23.88 7.98 -29.97
N ALA C 36 -24.65 8.91 -30.56
CA ALA C 36 -24.40 9.30 -31.95
C ALA C 36 -23.02 9.90 -32.10
N HIS C 37 -22.59 10.61 -31.08
CA HIS C 37 -21.27 11.18 -31.14
C HIS C 37 -20.18 10.10 -31.11
N TYR C 38 -20.30 9.16 -30.18
CA TYR C 38 -19.41 8.00 -30.19
C TYR C 38 -19.38 7.28 -31.53
N VAL C 39 -20.56 7.02 -32.06
CA VAL C 39 -20.68 6.25 -33.27
C VAL C 39 -20.04 6.97 -34.47
N GLU C 40 -20.28 8.23 -34.59
CA GLU C 40 -19.69 8.95 -35.70
C GLU C 40 -18.16 8.99 -35.61
N VAL C 41 -17.62 9.23 -34.40
CA VAL C 41 -16.18 9.30 -34.22
C VAL C 41 -15.53 7.96 -34.44
N THR C 42 -16.08 6.90 -33.85
CA THR C 42 -15.51 5.57 -34.01
C THR C 42 -15.61 5.04 -35.44
N ARG C 43 -16.74 5.25 -36.12
CA ARG C 43 -16.87 4.81 -37.51
C ARG C 43 -15.87 5.52 -38.42
N LYS C 44 -15.67 6.80 -38.18
CA LYS C 44 -14.66 7.54 -38.90
C LYS C 44 -13.21 7.08 -38.68
N LEU C 45 -12.91 6.55 -37.53
CA LEU C 45 -11.54 6.06 -37.25
C LEU C 45 -11.46 4.57 -37.50
N GLY C 46 -12.59 3.96 -37.84
CA GLY C 46 -12.62 2.52 -38.03
C GLY C 46 -12.44 1.68 -36.73
N ILE C 47 -12.85 2.18 -35.58
CA ILE C 47 -12.65 1.52 -34.30
C ILE C 47 -13.96 0.82 -33.87
N PRO C 48 -13.89 -0.49 -33.61
CA PRO C 48 -15.12 -1.16 -33.15
C PRO C 48 -15.64 -0.63 -31.82
N TYR C 49 -16.96 -0.53 -31.68
CA TYR C 49 -17.59 0.29 -30.62
C TYR C 49 -18.79 -0.39 -29.96
N ILE C 50 -18.81 -0.39 -28.62
CA ILE C 50 -19.90 -0.97 -27.83
C ILE C 50 -20.34 0.12 -26.87
N PHE C 51 -21.62 0.50 -26.93
CA PHE C 51 -22.18 1.57 -26.10
C PHE C 51 -22.50 1.04 -24.70
N LYS C 52 -22.08 1.81 -23.68
CA LYS C 52 -22.21 1.44 -22.28
C LYS C 52 -23.07 2.46 -21.50
N ALA C 53 -23.90 1.95 -20.60
CA ALA C 53 -24.57 2.79 -19.61
C ALA C 53 -25.17 1.88 -18.54
N SER C 54 -25.44 2.44 -17.36
CA SER C 54 -26.22 1.77 -16.34
C SER C 54 -27.65 2.27 -16.34
N PHE C 55 -28.57 1.33 -16.14
CA PHE C 55 -29.98 1.64 -15.97
C PHE C 55 -30.27 1.81 -14.49
N ASP C 56 -29.39 1.30 -13.65
CA ASP C 56 -29.58 1.39 -12.22
C ASP C 56 -28.26 1.42 -11.48
N LYS C 57 -27.88 2.61 -11.04
CA LYS C 57 -26.63 2.86 -10.34
C LYS C 57 -26.81 2.60 -8.81
N ALA C 58 -26.19 1.54 -8.34
CA ALA C 58 -26.48 0.99 -7.05
C ALA C 58 -25.71 1.70 -5.98
N ASN C 59 -24.60 2.34 -6.34
CA ASN C 59 -23.75 3.02 -5.35
C ASN C 59 -23.63 4.48 -5.69
N ARG C 60 -24.52 5.25 -5.09
CA ARG C 60 -24.72 6.66 -5.43
C ARG C 60 -24.12 7.51 -4.31
N SER C 61 -23.72 8.72 -4.62
CA SER C 61 -23.19 9.66 -3.64
C SER C 61 -24.18 10.01 -2.53
N SER C 62 -25.47 10.04 -2.84
CA SER C 62 -26.51 10.24 -1.84
C SER C 62 -27.53 9.20 -2.04
N ILE C 63 -28.34 8.99 -1.00
CA ILE C 63 -29.34 7.97 -1.12
C ILE C 63 -30.40 8.40 -2.17
N HIS C 64 -30.76 9.68 -2.24
CA HIS C 64 -31.83 10.07 -3.19
C HIS C 64 -31.37 10.64 -4.52
N SER C 65 -30.08 10.58 -4.81
CA SER C 65 -29.66 10.96 -6.12
C SER C 65 -30.28 9.88 -7.09
N TYR C 66 -30.54 10.27 -8.31
CA TYR C 66 -31.31 9.45 -9.22
C TYR C 66 -30.56 8.17 -9.61
N ARG C 67 -31.22 7.03 -9.47
CA ARG C 67 -30.59 5.74 -9.69
C ARG C 67 -30.43 5.47 -11.18
N GLY C 68 -31.20 6.19 -12.00
CA GLY C 68 -31.32 5.91 -13.42
C GLY C 68 -32.73 5.56 -13.73
N VAL C 69 -33.04 5.44 -14.99
CA VAL C 69 -34.43 5.18 -15.38
C VAL C 69 -35.01 3.83 -14.96
N GLY C 70 -34.17 2.86 -14.59
CA GLY C 70 -34.67 1.56 -14.16
C GLY C 70 -34.71 0.54 -15.28
N LEU C 71 -34.97 -0.70 -14.87
CA LEU C 71 -34.82 -1.83 -15.77
C LEU C 71 -35.68 -1.75 -17.01
N GLU C 72 -36.98 -1.54 -16.81
CA GLU C 72 -37.94 -1.57 -17.90
C GLU C 72 -37.70 -0.46 -18.95
N GLU C 73 -37.64 0.78 -18.50
CA GLU C 73 -37.31 1.86 -19.39
C GLU C 73 -35.90 1.75 -19.95
N GLY C 74 -34.96 1.34 -19.11
CA GLY C 74 -33.56 1.24 -19.52
C GLY C 74 -33.38 0.27 -20.66
N LEU C 75 -34.04 -0.87 -20.59
CA LEU C 75 -33.97 -1.85 -21.68
C LEU C 75 -34.62 -1.33 -22.96
N LYS C 76 -35.72 -0.58 -22.82
CA LYS C 76 -36.32 0.07 -23.98
C LYS C 76 -35.32 1.05 -24.61
N ILE C 77 -34.61 1.85 -23.81
CA ILE C 77 -33.62 2.76 -24.37
C ILE C 77 -32.52 1.98 -25.10
N PHE C 78 -32.04 0.90 -24.51
CA PHE C 78 -30.99 0.09 -25.15
C PHE C 78 -31.50 -0.52 -26.46
N GLU C 79 -32.77 -0.91 -26.51
CA GLU C 79 -33.34 -1.48 -27.79
C GLU C 79 -33.32 -0.40 -28.86
N LYS C 80 -33.64 0.84 -28.47
CA LYS C 80 -33.60 1.97 -29.38
C LYS C 80 -32.18 2.24 -29.88
N VAL C 81 -31.22 2.18 -28.96
CA VAL C 81 -29.83 2.38 -29.35
C VAL C 81 -29.46 1.31 -30.39
N LYS C 82 -29.79 0.05 -30.12
CA LYS C 82 -29.42 -1.05 -31.04
C LYS C 82 -30.12 -0.92 -32.40
N ALA C 83 -31.37 -0.53 -32.38
CA ALA C 83 -32.14 -0.32 -33.63
C ALA C 83 -31.60 0.87 -34.43
N GLU C 84 -31.37 2.00 -33.77
CA GLU C 84 -30.86 3.15 -34.51
C GLU C 84 -29.41 3.01 -35.02
N PHE C 85 -28.52 2.46 -34.24
CA PHE C 85 -27.12 2.46 -34.65
C PHE C 85 -26.57 1.10 -35.09
N GLY C 86 -27.28 0.00 -34.81
CA GLY C 86 -26.81 -1.36 -35.13
C GLY C 86 -25.51 -1.77 -34.43
N ILE C 87 -25.34 -1.33 -33.19
CA ILE C 87 -24.12 -1.62 -32.40
C ILE C 87 -24.49 -2.41 -31.13
N PRO C 88 -23.53 -3.19 -30.62
CA PRO C 88 -23.76 -3.92 -29.40
C PRO C 88 -23.76 -2.94 -28.24
N VAL C 89 -24.31 -3.39 -27.10
CA VAL C 89 -24.41 -2.55 -25.91
C VAL C 89 -24.05 -3.37 -24.71
N ILE C 90 -23.68 -2.67 -23.63
CA ILE C 90 -23.23 -3.30 -22.41
C ILE C 90 -23.86 -2.57 -21.26
N THR C 91 -24.27 -3.33 -20.24
CA THR C 91 -24.81 -2.74 -18.99
C THR C 91 -24.60 -3.69 -17.82
N ASP C 92 -24.58 -3.11 -16.63
CA ASP C 92 -24.38 -3.87 -15.41
C ASP C 92 -25.70 -4.42 -14.82
N VAL C 93 -25.59 -5.55 -14.12
CA VAL C 93 -26.69 -6.12 -13.34
C VAL C 93 -26.32 -6.23 -11.84
N HIS C 94 -27.28 -6.05 -10.94
CA HIS C 94 -27.05 -6.13 -9.52
C HIS C 94 -27.78 -7.24 -8.82
N GLU C 95 -28.78 -7.80 -9.44
CA GLU C 95 -29.65 -8.80 -8.80
C GLU C 95 -29.77 -9.96 -9.74
N PRO C 96 -29.74 -11.18 -9.21
CA PRO C 96 -29.92 -12.40 -9.97
C PRO C 96 -31.15 -12.41 -10.86
N HIS C 97 -32.29 -11.98 -10.31
CA HIS C 97 -33.54 -11.83 -11.07
C HIS C 97 -33.44 -10.94 -12.33
N GLN C 98 -32.49 -10.02 -12.35
CA GLN C 98 -32.38 -9.08 -13.47
C GLN C 98 -31.64 -9.66 -14.65
N CYS C 99 -30.90 -10.76 -14.42
CA CYS C 99 -30.01 -11.29 -15.40
C CYS C 99 -30.66 -11.67 -16.73
N GLN C 100 -31.74 -12.43 -16.65
CA GLN C 100 -32.44 -12.91 -17.85
C GLN C 100 -33.01 -11.78 -18.68
N PRO C 101 -33.84 -10.92 -18.08
CA PRO C 101 -34.40 -9.90 -18.90
C PRO C 101 -33.36 -8.91 -19.44
N VAL C 102 -32.26 -8.66 -18.70
CA VAL C 102 -31.21 -7.82 -19.24
C VAL C 102 -30.46 -8.50 -20.40
N ALA C 103 -30.11 -9.77 -20.23
CA ALA C 103 -29.40 -10.53 -21.24
C ALA C 103 -30.15 -10.69 -22.56
N GLU C 104 -31.47 -10.65 -22.52
CA GLU C 104 -32.26 -10.77 -23.78
C GLU C 104 -32.00 -9.61 -24.69
N VAL C 105 -31.69 -8.46 -24.11
CA VAL C 105 -31.51 -7.24 -24.88
C VAL C 105 -30.04 -6.86 -25.04
N CYS C 106 -29.31 -6.94 -23.93
CA CYS C 106 -27.93 -6.47 -23.92
C CYS C 106 -26.94 -7.58 -24.39
N ASP C 107 -26.05 -7.19 -25.31
CA ASP C 107 -25.02 -8.08 -25.84
C ASP C 107 -23.91 -8.41 -24.88
N VAL C 108 -23.64 -7.53 -23.91
CA VAL C 108 -22.73 -7.89 -22.82
C VAL C 108 -23.33 -7.48 -21.51
N ILE C 109 -23.24 -8.35 -20.53
CA ILE C 109 -23.71 -7.98 -19.21
C ILE C 109 -22.47 -7.94 -18.29
N GLN C 110 -22.50 -7.01 -17.36
CA GLN C 110 -21.36 -6.67 -16.54
C GLN C 110 -21.58 -6.99 -15.03
N LEU C 111 -20.62 -7.69 -14.44
CA LEU C 111 -20.59 -8.03 -13.03
C LEU C 111 -19.88 -6.90 -12.27
N PRO C 112 -20.62 -6.09 -11.50
CA PRO C 112 -19.87 -4.99 -10.83
C PRO C 112 -18.79 -5.51 -9.88
N ALA C 113 -17.74 -4.74 -9.72
CA ALA C 113 -16.62 -5.11 -8.88
C ALA C 113 -17.05 -5.46 -7.44
N PHE C 114 -17.92 -4.68 -6.84
CA PHE C 114 -18.28 -4.90 -5.43
C PHE C 114 -19.09 -6.17 -5.27
N LEU C 115 -19.70 -6.67 -6.36
CA LEU C 115 -20.50 -7.90 -6.29
C LEU C 115 -19.81 -9.12 -6.89
N ALA C 116 -18.54 -8.99 -7.22
CA ALA C 116 -17.81 -9.99 -8.01
C ALA C 116 -17.64 -11.29 -7.33
N ARG C 117 -17.72 -11.27 -6.01
CA ARG C 117 -17.64 -12.50 -5.27
C ARG C 117 -19.01 -13.00 -4.78
N GLN C 118 -20.11 -12.40 -5.23
CA GLN C 118 -21.45 -12.87 -4.82
C GLN C 118 -21.82 -14.06 -5.73
N THR C 119 -21.64 -15.24 -5.18
CA THR C 119 -21.86 -16.45 -5.90
C THR C 119 -23.22 -16.60 -6.60
N ASP C 120 -24.32 -16.19 -5.97
CA ASP C 120 -25.59 -16.27 -6.65
C ASP C 120 -25.63 -15.41 -7.94
N LEU C 121 -25.04 -14.22 -7.91
CA LEU C 121 -25.11 -13.34 -9.04
C LEU C 121 -24.24 -13.93 -10.13
N VAL C 122 -23.09 -14.44 -9.75
CA VAL C 122 -22.21 -15.13 -10.73
C VAL C 122 -22.94 -16.25 -11.42
N VAL C 123 -23.61 -17.11 -10.64
CA VAL C 123 -24.33 -18.25 -11.21
C VAL C 123 -25.46 -17.80 -12.15
N ALA C 124 -26.30 -16.87 -11.73
CA ALA C 124 -27.40 -16.39 -12.56
C ALA C 124 -26.85 -15.71 -13.86
N MET C 125 -25.78 -14.93 -13.74
CA MET C 125 -25.16 -14.35 -14.95
C MET C 125 -24.68 -15.43 -15.95
N ALA C 126 -23.99 -16.42 -15.41
CA ALA C 126 -23.46 -17.52 -16.20
C ALA C 126 -24.54 -18.23 -16.96
N LYS C 127 -25.64 -18.49 -16.28
CA LYS C 127 -26.72 -19.25 -16.87
C LYS C 127 -27.45 -18.52 -17.98
N THR C 128 -27.28 -17.20 -18.10
CA THR C 128 -27.81 -16.54 -19.32
C THR C 128 -27.16 -17.04 -20.62
N GLY C 129 -25.94 -17.60 -20.56
CA GLY C 129 -25.15 -17.86 -21.77
C GLY C 129 -24.62 -16.55 -22.42
N ASN C 130 -24.89 -15.40 -21.85
CA ASN C 130 -24.40 -14.16 -22.43
C ASN C 130 -22.86 -13.97 -22.26
N VAL C 131 -22.26 -13.13 -23.11
CA VAL C 131 -20.94 -12.58 -22.86
C VAL C 131 -21.02 -11.82 -21.57
N VAL C 132 -20.04 -12.05 -20.70
CA VAL C 132 -19.96 -11.37 -19.40
C VAL C 132 -18.66 -10.54 -19.25
N ASN C 133 -18.75 -9.34 -18.72
CA ASN C 133 -17.62 -8.53 -18.36
C ASN C 133 -17.44 -8.54 -16.85
N ILE C 134 -16.33 -9.10 -16.40
CA ILE C 134 -16.02 -9.21 -14.97
C ILE C 134 -15.17 -7.99 -14.49
N LYS C 135 -15.74 -7.10 -13.71
CA LYS C 135 -14.98 -5.97 -13.19
C LYS C 135 -14.12 -6.48 -12.01
N LYS C 136 -12.82 -6.27 -12.13
CA LYS C 136 -11.85 -6.68 -11.06
C LYS C 136 -11.99 -5.78 -9.85
N PRO C 137 -12.41 -6.32 -8.69
CA PRO C 137 -12.37 -5.53 -7.43
C PRO C 137 -10.96 -4.93 -7.16
N GLN C 138 -10.98 -3.73 -6.62
CA GLN C 138 -9.75 -3.06 -6.32
C GLN C 138 -8.92 -3.69 -5.20
N GLY C 139 -9.55 -4.52 -4.39
CA GLY C 139 -8.89 -5.29 -3.38
C GLY C 139 -8.50 -6.70 -3.80
N LEU C 140 -8.65 -7.06 -5.07
CA LEU C 140 -8.36 -8.44 -5.48
C LEU C 140 -7.08 -8.45 -6.30
N SER C 141 -6.17 -9.33 -5.97
CA SER C 141 -4.97 -9.42 -6.75
C SER C 141 -5.25 -10.07 -8.14
N PRO C 142 -4.42 -9.75 -9.13
CA PRO C 142 -4.66 -10.24 -10.47
C PRO C 142 -4.60 -11.77 -10.56
N SER C 143 -3.80 -12.40 -9.70
CA SER C 143 -3.67 -13.89 -9.71
C SER C 143 -4.87 -14.58 -9.05
N GLN C 144 -5.83 -13.82 -8.53
CA GLN C 144 -7.05 -14.39 -7.99
C GLN C 144 -8.26 -14.23 -8.91
N MET C 145 -8.12 -13.51 -10.02
CA MET C 145 -9.20 -13.45 -10.98
C MET C 145 -9.61 -14.82 -11.48
N LYS C 146 -8.64 -15.74 -11.53
CA LYS C 146 -8.90 -17.12 -11.97
C LYS C 146 -10.00 -17.80 -11.16
N ASN C 147 -10.19 -17.39 -9.90
CA ASN C 147 -11.18 -18.02 -9.07
C ASN C 147 -12.58 -17.54 -9.42
N ILE C 148 -12.70 -16.28 -9.90
CA ILE C 148 -13.97 -15.83 -10.43
C ILE C 148 -14.26 -16.55 -11.75
N VAL C 149 -13.26 -16.59 -12.61
CA VAL C 149 -13.35 -17.32 -13.83
C VAL C 149 -13.82 -18.77 -13.60
N GLU C 150 -13.19 -19.46 -12.67
CA GLU C 150 -13.53 -20.88 -12.36
C GLU C 150 -15.02 -21.08 -12.08
N LYS C 151 -15.59 -20.14 -11.36
CA LYS C 151 -16.97 -20.24 -10.92
C LYS C 151 -17.91 -20.06 -12.10
N PHE C 152 -17.57 -19.15 -13.01
CA PHE C 152 -18.32 -19.02 -14.27
C PHE C 152 -18.24 -20.32 -15.08
N HIS C 153 -17.03 -20.88 -15.19
CA HIS C 153 -16.84 -22.15 -15.91
C HIS C 153 -17.66 -23.32 -15.31
N GLU C 154 -17.65 -23.47 -13.96
CA GLU C 154 -18.47 -24.48 -13.28
C GLU C 154 -19.96 -24.32 -13.60
N ALA C 155 -20.39 -23.09 -13.73
CA ALA C 155 -21.79 -22.78 -14.01
C ALA C 155 -22.10 -22.78 -15.51
N GLY C 156 -21.11 -23.12 -16.35
CA GLY C 156 -21.32 -23.34 -17.79
C GLY C 156 -21.01 -22.21 -18.82
N ASN C 157 -20.34 -21.11 -18.44
CA ASN C 157 -20.13 -19.99 -19.37
C ASN C 157 -18.64 -19.63 -19.39
N GLY C 158 -18.02 -19.74 -20.56
CA GLY C 158 -16.62 -19.33 -20.77
C GLY C 158 -16.42 -18.07 -21.62
N LYS C 159 -17.52 -17.34 -21.91
CA LYS C 159 -17.46 -16.08 -22.68
C LYS C 159 -17.27 -14.87 -21.78
N LEU C 160 -16.08 -14.78 -21.20
CA LEU C 160 -15.78 -13.86 -20.14
C LEU C 160 -14.70 -12.87 -20.58
N ILE C 161 -14.92 -11.60 -20.26
CA ILE C 161 -14.00 -10.53 -20.45
C ILE C 161 -13.54 -10.10 -19.02
N LEU C 162 -12.26 -9.81 -18.87
CA LEU C 162 -11.70 -9.34 -17.58
C LEU C 162 -11.38 -7.85 -17.64
N CYS C 163 -11.88 -7.08 -16.71
CA CYS C 163 -11.79 -5.65 -16.82
C CYS C 163 -11.04 -5.06 -15.60
N GLU C 164 -9.87 -4.49 -15.89
CA GLU C 164 -9.00 -3.88 -14.89
C GLU C 164 -9.52 -2.52 -14.53
N ARG C 165 -9.54 -2.21 -13.24
CA ARG C 165 -10.05 -0.92 -12.81
C ARG C 165 -9.18 -0.34 -11.69
N GLY C 166 -7.95 -0.88 -11.51
CA GLY C 166 -7.04 -0.38 -10.53
C GLY C 166 -7.10 -1.13 -9.22
N SER C 167 -6.11 -0.88 -8.39
CA SER C 167 -5.90 -1.57 -7.08
C SER C 167 -5.69 -0.59 -5.93
N SER C 168 -6.24 -0.91 -4.74
CA SER C 168 -6.12 -0.02 -3.58
C SER C 168 -4.65 0.22 -3.23
N PHE C 169 -4.28 1.48 -3.03
CA PHE C 169 -2.92 1.89 -2.82
C PHE C 169 -2.89 2.84 -1.68
N GLY C 170 -2.69 2.30 -0.49
CA GLY C 170 -2.81 3.11 0.73
C GLY C 170 -4.26 3.51 0.92
N TYR C 171 -4.50 4.69 1.47
CA TYR C 171 -5.88 5.16 1.61
C TYR C 171 -6.37 5.91 0.39
N ASP C 172 -7.63 5.66 0.01
CA ASP C 172 -8.42 6.54 -0.90
C ASP C 172 -7.78 6.72 -2.25
N ASN C 173 -7.03 5.76 -2.74
CA ASN C 173 -6.17 6.03 -3.86
C ASN C 173 -5.92 4.75 -4.60
N LEU C 174 -5.85 4.83 -5.92
CA LEU C 174 -5.71 3.64 -6.77
C LEU C 174 -4.45 3.74 -7.62
N VAL C 175 -3.80 2.61 -7.82
CA VAL C 175 -2.69 2.52 -8.74
C VAL C 175 -3.06 1.33 -9.64
N VAL C 176 -2.70 1.46 -10.91
CA VAL C 176 -2.82 0.39 -11.86
C VAL C 176 -1.47 -0.28 -12.09
N ASP C 177 -1.42 -1.55 -11.77
CA ASP C 177 -0.25 -2.38 -11.94
C ASP C 177 -0.25 -2.89 -13.38
N MET C 178 0.65 -2.35 -14.20
CA MET C 178 0.76 -2.71 -15.58
C MET C 178 1.22 -4.17 -15.76
N LEU C 179 1.81 -4.79 -14.74
CA LEU C 179 2.04 -6.27 -14.76
C LEU C 179 0.80 -7.14 -14.50
N GLY C 180 -0.30 -6.54 -13.98
CA GLY C 180 -1.50 -7.32 -13.71
C GLY C 180 -2.16 -7.84 -14.95
N PHE C 181 -2.03 -7.11 -16.06
CA PHE C 181 -2.64 -7.56 -17.31
C PHE C 181 -2.08 -8.90 -17.70
N GLY C 182 -0.78 -9.01 -17.66
CA GLY C 182 -0.09 -10.20 -18.11
C GLY C 182 -0.38 -11.38 -17.17
N VAL C 183 -0.47 -11.11 -15.86
CA VAL C 183 -0.78 -12.14 -14.90
C VAL C 183 -2.17 -12.71 -15.18
N MET C 184 -3.11 -11.83 -15.47
CA MET C 184 -4.49 -12.27 -15.80
C MET C 184 -4.51 -13.10 -17.13
N LYS C 185 -3.78 -12.65 -18.16
CA LYS C 185 -3.70 -13.38 -19.40
C LYS C 185 -3.13 -14.80 -19.18
N GLN C 186 -2.05 -14.90 -18.41
CA GLN C 186 -1.38 -16.16 -18.09
C GLN C 186 -2.18 -17.13 -17.22
N THR C 187 -2.97 -16.61 -16.28
CA THR C 187 -3.63 -17.46 -15.34
C THR C 187 -5.05 -17.71 -15.73
N CYS C 188 -5.62 -16.96 -16.67
CA CYS C 188 -7.06 -17.09 -16.95
C CYS C 188 -7.31 -17.51 -18.40
N GLY C 189 -6.38 -18.22 -18.99
CA GLY C 189 -6.56 -18.77 -20.35
C GLY C 189 -6.53 -17.75 -21.51
N ASN C 190 -5.85 -16.62 -21.32
CA ASN C 190 -5.77 -15.57 -22.33
C ASN C 190 -7.16 -15.08 -22.78
N LEU C 191 -8.12 -15.06 -21.87
CA LEU C 191 -9.38 -14.42 -22.10
C LEU C 191 -9.14 -12.93 -22.42
N PRO C 192 -10.05 -12.28 -23.15
CA PRO C 192 -9.87 -10.86 -23.43
C PRO C 192 -9.79 -10.02 -22.16
N VAL C 193 -8.81 -9.11 -22.15
CA VAL C 193 -8.61 -8.18 -21.05
C VAL C 193 -8.85 -6.81 -21.61
N ILE C 194 -9.66 -6.06 -20.88
CA ILE C 194 -9.92 -4.67 -21.19
C ILE C 194 -9.59 -3.79 -19.94
N PHE C 195 -9.43 -2.49 -20.20
CA PHE C 195 -8.95 -1.56 -19.22
C PHE C 195 -9.96 -0.41 -19.03
N ASP C 196 -10.55 -0.35 -17.83
CA ASP C 196 -11.42 0.78 -17.42
C ASP C 196 -10.61 1.92 -16.88
N VAL C 197 -10.20 2.80 -17.77
CA VAL C 197 -9.28 3.85 -17.38
CA VAL C 197 -9.27 3.86 -17.37
C VAL C 197 -9.98 4.89 -16.51
N THR C 198 -11.26 5.09 -16.76
CA THR C 198 -12.02 6.09 -16.04
C THR C 198 -12.09 5.80 -14.53
N HIS C 199 -12.56 4.60 -14.14
CA HIS C 199 -12.68 4.24 -12.70
C HIS C 199 -11.33 4.05 -12.02
N SER C 200 -10.33 3.72 -12.83
CA SER C 200 -8.95 3.64 -12.38
C SER C 200 -8.33 4.94 -11.86
N LEU C 201 -9.00 6.03 -12.12
CA LEU C 201 -8.46 7.36 -12.01
C LEU C 201 -9.03 8.19 -10.87
N GLN C 202 -8.80 7.76 -9.65
CA GLN C 202 -9.10 8.61 -8.50
C GLN C 202 -8.81 7.86 -7.22
N ARG C 215 -8.53 14.41 -18.94
CA ARG C 215 -7.23 14.70 -18.38
C ARG C 215 -6.12 14.25 -19.36
N ALA C 216 -4.98 14.90 -19.22
CA ALA C 216 -3.72 14.41 -19.77
C ALA C 216 -3.40 13.10 -19.05
N GLN C 217 -3.91 12.95 -17.83
CA GLN C 217 -3.71 11.71 -17.06
C GLN C 217 -4.41 10.50 -17.62
N ALA C 218 -5.66 10.67 -18.05
CA ALA C 218 -6.38 9.59 -18.69
C ALA C 218 -5.66 9.07 -19.93
N LEU C 219 -5.13 9.98 -20.72
CA LEU C 219 -4.45 9.62 -21.95
C LEU C 219 -3.17 8.86 -21.65
N ASP C 220 -2.35 9.36 -20.75
CA ASP C 220 -1.11 8.68 -20.32
C ASP C 220 -1.37 7.30 -19.78
N LEU C 221 -2.40 7.20 -18.93
CA LEU C 221 -2.71 5.94 -18.31
C LEU C 221 -3.26 4.95 -19.33
N ALA C 222 -4.13 5.43 -20.21
CA ALA C 222 -4.69 4.60 -21.29
C ALA C 222 -3.60 4.10 -22.22
N LEU C 223 -2.71 4.98 -22.62
CA LEU C 223 -1.60 4.58 -23.48
C LEU C 223 -0.70 3.52 -22.84
N ALA C 224 -0.36 3.72 -21.57
CA ALA C 224 0.47 2.79 -20.83
C ALA C 224 -0.18 1.43 -20.81
N GLY C 225 -1.46 1.40 -20.48
CA GLY C 225 -2.15 0.12 -20.44
C GLY C 225 -2.20 -0.55 -21.81
N MET C 226 -2.57 0.21 -22.83
CA MET C 226 -2.71 -0.41 -24.14
C MET C 226 -1.40 -0.86 -24.72
N ALA C 227 -0.28 -0.27 -24.22
CA ALA C 227 1.01 -0.73 -24.63
C ALA C 227 1.30 -2.21 -24.25
N THR C 228 0.59 -2.75 -23.27
CA THR C 228 0.76 -4.12 -22.85
C THR C 228 -0.05 -5.10 -23.66
N ARG C 229 -0.75 -4.62 -24.68
CA ARG C 229 -1.43 -5.45 -25.66
C ARG C 229 -2.74 -6.02 -25.07
N LEU C 230 -3.81 -5.23 -25.22
CA LEU C 230 -5.09 -5.53 -24.60
C LEU C 230 -6.22 -5.58 -25.63
N ALA C 231 -7.31 -6.24 -25.24
CA ALA C 231 -8.48 -6.35 -26.13
C ALA C 231 -9.28 -5.09 -26.23
N GLY C 232 -9.17 -4.20 -25.29
CA GLY C 232 -10.08 -3.09 -25.31
C GLY C 232 -9.86 -2.05 -24.28
N LEU C 233 -10.57 -0.94 -24.47
CA LEU C 233 -10.50 0.21 -23.56
C LEU C 233 -11.89 0.59 -23.15
N PHE C 234 -12.06 0.94 -21.90
CA PHE C 234 -13.38 1.14 -21.33
C PHE C 234 -13.35 2.50 -20.73
N LEU C 235 -14.22 3.39 -21.18
CA LEU C 235 -14.29 4.70 -20.59
C LEU C 235 -15.65 5.38 -20.61
N GLU C 236 -15.78 6.39 -19.75
CA GLU C 236 -16.96 7.29 -19.69
C GLU C 236 -16.70 8.75 -20.20
N SER C 237 -17.78 9.48 -20.50
N SER C 237 -17.78 9.49 -20.51
CA SER C 237 -17.69 10.87 -20.97
CA SER C 237 -17.69 10.88 -21.00
C SER C 237 -18.83 11.70 -20.37
C SER C 237 -18.83 11.69 -20.41
N HIS C 238 -18.78 13.01 -20.58
CA HIS C 238 -19.86 13.92 -20.19
C HIS C 238 -19.93 15.06 -21.18
N ALA C 251 -14.29 11.31 -15.82
CA ALA C 251 -14.98 11.28 -17.10
C ALA C 251 -14.38 12.31 -18.10
N LEU C 252 -14.07 11.83 -19.30
CA LEU C 252 -13.45 12.61 -20.39
C LEU C 252 -14.43 13.59 -21.02
N PRO C 253 -14.01 14.79 -21.41
CA PRO C 253 -14.99 15.65 -22.11
C PRO C 253 -15.29 15.14 -23.53
N LEU C 254 -16.57 15.13 -23.90
CA LEU C 254 -17.04 14.43 -25.13
C LEU C 254 -16.38 14.91 -26.50
N HIS C 255 -16.02 16.19 -26.64
CA HIS C 255 -15.47 16.71 -27.92
C HIS C 255 -13.96 16.46 -28.12
N LEU C 256 -13.25 16.17 -27.03
CA LEU C 256 -11.85 15.72 -27.10
C LEU C 256 -11.75 14.23 -27.44
N LEU C 257 -12.90 13.59 -27.68
CA LEU C 257 -12.92 12.13 -27.88
C LEU C 257 -12.10 11.69 -29.08
N GLU C 258 -12.28 12.36 -30.21
CA GLU C 258 -11.59 12.03 -31.42
C GLU C 258 -10.07 12.15 -31.31
N ASP C 259 -9.60 13.22 -30.71
CA ASP C 259 -8.19 13.43 -30.51
C ASP C 259 -7.61 12.39 -29.60
N PHE C 260 -8.36 12.06 -28.56
CA PHE C 260 -7.96 10.97 -27.65
C PHE C 260 -7.81 9.61 -28.37
N LEU C 261 -8.83 9.23 -29.13
CA LEU C 261 -8.89 7.91 -29.79
C LEU C 261 -7.92 7.80 -30.93
N ILE C 262 -7.63 8.90 -31.63
CA ILE C 262 -6.57 8.92 -32.63
C ILE C 262 -5.23 8.45 -31.99
N ARG C 263 -4.92 8.93 -30.78
CA ARG C 263 -3.68 8.55 -30.13
C ARG C 263 -3.72 7.13 -29.63
N ILE C 264 -4.85 6.71 -29.09
CA ILE C 264 -4.94 5.30 -28.66
C ILE C 264 -4.76 4.38 -29.86
N LYS C 265 -5.45 4.71 -30.94
CA LYS C 265 -5.47 3.83 -32.10
C LYS C 265 -4.09 3.72 -32.72
N ALA C 266 -3.35 4.83 -32.74
CA ALA C 266 -1.98 4.81 -33.23
C ALA C 266 -1.12 3.81 -32.48
N LEU C 267 -1.19 3.85 -31.17
CA LEU C 267 -0.40 2.96 -30.34
C LEU C 267 -0.87 1.55 -30.50
N ASP C 268 -2.20 1.35 -30.44
CA ASP C 268 -2.76 0.01 -30.55
C ASP C 268 -2.38 -0.60 -31.91
N ASP C 269 -2.53 0.12 -33.01
CA ASP C 269 -2.06 -0.39 -34.32
C ASP C 269 -0.59 -0.80 -34.35
N LEU C 270 0.27 0.01 -33.76
CA LEU C 270 1.68 -0.31 -33.73
C LEU C 270 1.89 -1.61 -32.99
N ILE C 271 1.36 -1.67 -31.79
CA ILE C 271 1.60 -2.82 -30.94
C ILE C 271 1.03 -4.07 -31.55
N LYS C 272 -0.19 -4.01 -32.04
CA LYS C 272 -0.82 -5.25 -32.54
C LYS C 272 -0.18 -5.70 -33.83
N SER C 273 0.50 -4.79 -34.54
CA SER C 273 1.11 -5.18 -35.84
C SER C 273 2.43 -5.91 -35.62
N GLN C 274 2.91 -5.99 -34.40
CA GLN C 274 4.15 -6.71 -34.15
C GLN C 274 3.82 -8.04 -33.54
N PRO C 275 4.52 -9.11 -33.95
CA PRO C 275 4.28 -10.39 -33.32
C PRO C 275 4.70 -10.38 -31.84
N ILE C 276 4.04 -11.17 -31.01
CA ILE C 276 4.38 -11.27 -29.58
C ILE C 276 5.81 -11.83 -29.43
N LEU C 277 6.61 -11.31 -28.48
CA LEU C 277 8.05 -11.69 -28.37
C LEU C 277 8.29 -13.07 -27.68
N MET D 1 12.88 20.67 -19.81
CA MET D 1 14.27 21.13 -19.85
C MET D 1 15.11 19.96 -20.34
N ASP D 2 15.89 20.21 -21.36
CA ASP D 2 16.79 19.24 -21.89
C ASP D 2 18.12 19.34 -21.20
N ILE D 3 18.89 18.27 -21.23
CA ILE D 3 20.24 18.29 -20.68
C ILE D 3 21.15 17.74 -21.75
N LYS D 4 22.28 18.37 -21.95
CA LYS D 4 23.25 17.92 -22.95
C LYS D 4 24.23 17.01 -22.26
N ILE D 5 24.49 15.83 -22.79
CA ILE D 5 25.53 14.97 -22.23
C ILE D 5 26.43 14.66 -23.41
N ASN D 6 27.57 15.38 -23.51
CA ASN D 6 28.43 15.37 -24.73
C ASN D 6 27.59 15.68 -25.95
N ASP D 7 27.49 14.77 -26.92
CA ASP D 7 26.65 14.98 -28.10
C ASP D 7 25.20 14.58 -27.93
N ILE D 8 24.85 14.04 -26.78
CA ILE D 8 23.50 13.53 -26.58
C ILE D 8 22.62 14.61 -26.04
N THR D 9 21.41 14.72 -26.57
CA THR D 9 20.37 15.55 -25.96
C THR D 9 19.36 14.67 -25.21
N LEU D 10 19.30 14.80 -23.89
CA LEU D 10 18.40 14.04 -23.07
C LEU D 10 17.21 14.93 -22.70
N GLY D 11 16.00 14.47 -22.96
CA GLY D 11 14.84 15.26 -22.69
C GLY D 11 13.55 14.53 -22.96
N ASN D 12 12.50 14.90 -22.26
CA ASN D 12 11.22 14.20 -22.34
C ASN D 12 10.51 14.29 -23.68
N ASN D 13 10.98 15.16 -24.56
CA ASN D 13 10.46 15.17 -25.90
C ASN D 13 11.52 14.94 -26.90
N SER D 14 12.54 14.19 -26.53
CA SER D 14 13.62 13.83 -27.46
C SER D 14 13.65 12.31 -27.61
N PRO D 15 14.34 11.81 -28.64
CA PRO D 15 14.41 10.33 -28.73
C PRO D 15 14.95 9.76 -27.43
N PHE D 16 14.45 8.61 -27.02
CA PHE D 16 14.88 8.05 -25.71
C PHE D 16 16.37 7.69 -25.71
N VAL D 17 16.98 7.92 -24.57
CA VAL D 17 18.36 7.51 -24.31
C VAL D 17 18.37 6.24 -23.46
N LEU D 18 19.19 5.28 -23.85
CA LEU D 18 19.36 4.05 -23.09
C LEU D 18 20.52 4.17 -22.14
N PHE D 19 20.24 3.90 -20.86
CA PHE D 19 21.25 3.83 -19.83
C PHE D 19 21.31 2.35 -19.54
N GLY D 20 22.43 1.72 -19.88
CA GLY D 20 22.50 0.30 -19.78
C GLY D 20 23.86 -0.18 -19.51
N GLY D 21 23.93 -1.23 -18.72
CA GLY D 21 25.18 -1.97 -18.64
C GLY D 21 25.02 -3.10 -17.65
N ILE D 22 26.00 -3.19 -16.78
CA ILE D 22 26.09 -4.27 -15.83
C ILE D 22 25.92 -3.73 -14.42
N ASN D 23 25.63 -4.64 -13.51
CA ASN D 23 25.37 -4.37 -12.12
C ASN D 23 26.62 -3.85 -11.45
N VAL D 24 27.68 -4.64 -11.50
CA VAL D 24 28.88 -4.33 -10.78
C VAL D 24 30.11 -4.59 -11.65
N LEU D 25 31.07 -3.68 -11.63
CA LEU D 25 32.32 -3.93 -12.37
C LEU D 25 33.14 -5.05 -11.72
N GLU D 26 33.45 -6.11 -12.49
CA GLU D 26 34.32 -7.26 -12.02
C GLU D 26 35.71 -7.28 -12.61
N SER D 27 35.82 -6.96 -13.91
CA SER D 27 37.13 -6.92 -14.58
C SER D 27 37.08 -6.04 -15.82
N LEU D 28 38.23 -5.61 -16.30
CA LEU D 28 38.28 -4.79 -17.50
C LEU D 28 37.77 -5.53 -18.73
N ASP D 29 38.20 -6.78 -18.91
CA ASP D 29 37.85 -7.55 -20.07
C ASP D 29 36.34 -7.79 -20.17
N SER D 30 35.72 -8.19 -19.06
CA SER D 30 34.27 -8.46 -18.97
C SER D 30 33.48 -7.23 -19.33
N THR D 31 33.85 -6.12 -18.70
CA THR D 31 33.22 -4.84 -18.93
C THR D 31 33.30 -4.39 -20.39
N LEU D 32 34.48 -4.44 -21.01
CA LEU D 32 34.62 -3.96 -22.38
C LEU D 32 33.81 -4.83 -23.36
N GLN D 33 33.77 -6.13 -23.08
CA GLN D 33 33.02 -7.03 -23.90
C GLN D 33 31.53 -6.70 -23.86
N THR D 34 30.98 -6.57 -22.65
CA THR D 34 29.57 -6.24 -22.51
C THR D 34 29.29 -4.89 -23.16
N CYS D 35 30.14 -3.91 -22.86
CA CYS D 35 29.92 -2.56 -23.37
C CYS D 35 29.93 -2.55 -24.89
N ALA D 36 30.81 -3.33 -25.47
CA ALA D 36 30.88 -3.42 -26.96
C ALA D 36 29.58 -3.92 -27.56
N HIS D 37 28.93 -4.85 -26.87
CA HIS D 37 27.67 -5.39 -27.35
C HIS D 37 26.57 -4.33 -27.30
N TYR D 38 26.43 -3.63 -26.17
CA TYR D 38 25.53 -2.50 -26.08
C TYR D 38 25.80 -1.45 -27.14
N VAL D 39 27.05 -1.03 -27.29
CA VAL D 39 27.41 -0.04 -28.30
C VAL D 39 27.06 -0.47 -29.73
N GLU D 40 27.40 -1.69 -30.10
CA GLU D 40 27.12 -2.16 -31.45
C GLU D 40 25.62 -2.23 -31.74
N VAL D 41 24.83 -2.75 -30.79
CA VAL D 41 23.39 -2.84 -30.93
C VAL D 41 22.74 -1.47 -30.97
N THR D 42 23.10 -0.57 -30.05
CA THR D 42 22.52 0.78 -30.06
C THR D 42 22.93 1.62 -31.27
N ARG D 43 24.19 1.58 -31.68
CA ARG D 43 24.59 2.35 -32.85
C ARG D 43 23.81 1.94 -34.08
N LYS D 44 23.66 0.63 -34.29
CA LYS D 44 22.87 0.19 -35.46
C LYS D 44 21.38 0.55 -35.39
N LEU D 45 20.83 0.63 -34.18
CA LEU D 45 19.45 1.04 -34.06
C LEU D 45 19.32 2.54 -33.97
N GLY D 46 20.44 3.25 -33.88
CA GLY D 46 20.42 4.70 -33.83
C GLY D 46 19.90 5.22 -32.49
N ILE D 47 20.16 4.48 -31.40
CA ILE D 47 19.70 4.85 -30.05
C ILE D 47 20.87 5.43 -29.21
N PRO D 48 20.71 6.63 -28.67
CA PRO D 48 21.81 7.19 -27.93
C PRO D 48 22.04 6.31 -26.68
N TYR D 49 23.29 6.17 -26.27
CA TYR D 49 23.68 5.19 -25.27
C TYR D 49 24.70 5.72 -24.26
N ILE D 50 24.41 5.44 -23.00
CA ILE D 50 25.27 5.74 -21.86
C ILE D 50 25.51 4.47 -21.06
N PHE D 51 26.77 4.11 -20.87
CA PHE D 51 27.13 2.85 -20.23
C PHE D 51 27.11 3.02 -18.70
N LYS D 52 26.49 2.05 -18.02
CA LYS D 52 26.27 2.08 -16.57
C LYS D 52 26.95 0.90 -15.87
N ALA D 53 27.58 1.17 -14.75
CA ALA D 53 28.01 0.11 -13.86
C ALA D 53 28.33 0.69 -12.50
N SER D 54 28.29 -0.15 -11.46
CA SER D 54 28.78 0.27 -10.14
C SER D 54 30.18 -0.28 -9.92
N PHE D 55 30.99 0.54 -9.30
CA PHE D 55 32.32 0.14 -8.86
C PHE D 55 32.23 -0.47 -7.46
N ASP D 56 31.11 -0.26 -6.78
CA ASP D 56 30.95 -0.91 -5.50
C ASP D 56 29.49 -1.22 -5.14
N LYS D 57 29.23 -2.46 -4.70
CA LYS D 57 27.92 -2.84 -4.12
C LYS D 57 27.91 -2.67 -2.59
N ALA D 58 27.27 -1.58 -2.17
CA ALA D 58 27.41 -1.10 -0.82
C ALA D 58 26.45 -1.80 0.12
N ASN D 59 25.40 -2.44 -0.39
CA ASN D 59 24.45 -3.14 0.49
C ASN D 59 24.24 -4.58 0.08
N ARG D 60 25.29 -5.38 0.23
CA ARG D 60 25.13 -6.81 0.02
C ARG D 60 24.43 -7.49 1.20
N SER D 61 23.77 -8.60 0.92
CA SER D 61 23.11 -9.41 1.96
C SER D 61 24.12 -9.93 2.98
N SER D 62 25.34 -10.23 2.52
CA SER D 62 26.43 -10.71 3.35
C SER D 62 27.58 -9.70 3.37
N ILE D 63 28.20 -9.58 4.54
CA ILE D 63 29.46 -8.88 4.64
C ILE D 63 30.51 -9.63 3.77
N HIS D 64 30.40 -10.95 3.65
CA HIS D 64 31.38 -11.69 2.86
C HIS D 64 31.08 -11.75 1.36
N SER D 65 30.01 -11.12 0.89
CA SER D 65 29.65 -11.14 -0.53
C SER D 65 30.68 -10.36 -1.36
N TYR D 66 30.89 -10.74 -2.63
CA TYR D 66 31.73 -9.95 -3.55
C TYR D 66 31.11 -8.56 -3.74
N ARG D 67 31.94 -7.51 -3.65
CA ARG D 67 31.45 -6.13 -3.72
C ARG D 67 31.85 -5.29 -4.96
N GLY D 68 32.80 -5.75 -5.78
CA GLY D 68 33.21 -5.04 -7.00
C GLY D 68 34.65 -4.59 -6.94
N VAL D 69 35.17 -4.06 -8.04
CA VAL D 69 36.57 -3.71 -8.07
C VAL D 69 36.99 -2.52 -7.22
N GLY D 70 36.06 -1.64 -6.85
CA GLY D 70 36.43 -0.50 -6.00
C GLY D 70 36.74 0.78 -6.78
N LEU D 71 36.83 1.89 -6.06
CA LEU D 71 36.87 3.21 -6.69
C LEU D 71 38.04 3.36 -7.67
N GLU D 72 39.24 3.05 -7.18
CA GLU D 72 40.45 3.31 -7.92
C GLU D 72 40.49 2.50 -9.22
N GLU D 73 40.26 1.21 -9.10
CA GLU D 73 40.29 0.31 -10.26
C GLU D 73 39.04 0.56 -11.15
N GLY D 74 37.90 0.82 -10.51
CA GLY D 74 36.67 1.13 -11.24
C GLY D 74 36.78 2.36 -12.13
N LEU D 75 37.38 3.45 -11.62
CA LEU D 75 37.54 4.65 -12.44
C LEU D 75 38.50 4.40 -13.63
N LYS D 76 39.54 3.61 -13.38
CA LYS D 76 40.42 3.16 -14.47
C LYS D 76 39.58 2.49 -15.57
N ILE D 77 38.70 1.58 -15.17
CA ILE D 77 37.92 0.86 -16.16
C ILE D 77 37.01 1.81 -16.95
N PHE D 78 36.37 2.75 -16.26
CA PHE D 78 35.51 3.78 -16.90
C PHE D 78 36.31 4.67 -17.89
N GLU D 79 37.56 5.00 -17.57
CA GLU D 79 38.41 5.79 -18.48
C GLU D 79 38.68 5.03 -19.75
N LYS D 80 38.91 3.74 -19.61
CA LYS D 80 39.13 2.88 -20.76
C LYS D 80 37.86 2.72 -21.62
N VAL D 81 36.71 2.59 -20.97
CA VAL D 81 35.45 2.55 -21.69
C VAL D 81 35.27 3.84 -22.51
N LYS D 82 35.50 5.00 -21.91
CA LYS D 82 35.31 6.27 -22.62
C LYS D 82 36.31 6.42 -23.79
N ALA D 83 37.56 6.02 -23.56
CA ALA D 83 38.59 6.14 -24.57
C ALA D 83 38.29 5.20 -25.73
N GLU D 84 37.96 3.94 -25.45
CA GLU D 84 37.64 2.98 -26.52
C GLU D 84 36.36 3.27 -27.29
N PHE D 85 35.28 3.67 -26.60
CA PHE D 85 34.00 3.78 -27.31
C PHE D 85 33.52 5.21 -27.54
N GLY D 86 34.12 6.19 -26.85
CA GLY D 86 33.70 7.61 -27.00
C GLY D 86 32.27 7.89 -26.54
N ILE D 87 31.83 7.20 -25.50
CA ILE D 87 30.45 7.37 -25.00
C ILE D 87 30.55 7.90 -23.59
N PRO D 88 29.47 8.57 -23.12
CA PRO D 88 29.35 8.90 -21.72
C PRO D 88 29.09 7.66 -20.85
N VAL D 89 29.37 7.79 -19.57
CA VAL D 89 29.19 6.71 -18.61
C VAL D 89 28.51 7.27 -17.38
N ILE D 90 27.94 6.36 -16.57
CA ILE D 90 27.20 6.70 -15.38
C ILE D 90 27.56 5.69 -14.30
N THR D 91 27.69 6.17 -13.05
CA THR D 91 27.92 5.29 -11.91
C THR D 91 27.39 5.94 -10.64
N ASP D 92 27.04 5.12 -9.66
CA ASP D 92 26.62 5.58 -8.35
C ASP D 92 27.73 5.89 -7.33
N VAL D 93 27.46 6.83 -6.42
CA VAL D 93 28.39 7.21 -5.36
C VAL D 93 27.69 7.02 -4.02
N HIS D 94 28.44 6.60 -2.98
CA HIS D 94 27.86 6.38 -1.65
C HIS D 94 28.40 7.28 -0.55
N GLU D 95 29.52 7.93 -0.80
CA GLU D 95 30.18 8.75 0.22
C GLU D 95 30.52 10.09 -0.40
N PRO D 96 30.33 11.17 0.35
CA PRO D 96 30.65 12.51 -0.11
C PRO D 96 32.02 12.65 -0.71
N HIS D 97 33.04 12.14 0.00
CA HIS D 97 34.45 12.26 -0.42
C HIS D 97 34.67 11.60 -1.80
N GLN D 98 33.81 10.66 -2.21
CA GLN D 98 33.96 9.99 -3.51
C GLN D 98 33.52 10.85 -4.67
N CYS D 99 32.71 11.88 -4.40
CA CYS D 99 32.01 12.62 -5.48
C CYS D 99 32.92 13.29 -6.49
N GLN D 100 33.89 14.02 -5.98
CA GLN D 100 34.81 14.76 -6.85
C GLN D 100 35.67 13.82 -7.70
N PRO D 101 36.36 12.82 -7.09
CA PRO D 101 37.15 11.95 -7.97
C PRO D 101 36.31 11.13 -8.93
N VAL D 102 35.09 10.75 -8.55
CA VAL D 102 34.21 10.04 -9.48
C VAL D 102 33.79 10.99 -10.63
N ALA D 103 33.40 12.22 -10.28
CA ALA D 103 32.93 13.19 -11.28
C ALA D 103 34.00 13.61 -12.27
N GLU D 104 35.26 13.51 -11.90
CA GLU D 104 36.34 13.85 -12.84
C GLU D 104 36.27 12.96 -14.07
N VAL D 105 35.79 11.73 -13.87
CA VAL D 105 35.81 10.71 -14.90
C VAL D 105 34.39 10.43 -15.45
N CYS D 106 33.42 10.27 -14.55
CA CYS D 106 32.07 9.87 -14.94
C CYS D 106 31.15 11.04 -15.31
N ASP D 107 30.60 10.99 -16.51
CA ASP D 107 29.75 12.05 -17.03
C ASP D 107 28.53 12.27 -16.13
N VAL D 108 27.89 11.18 -15.73
CA VAL D 108 26.71 11.26 -14.91
C VAL D 108 27.05 10.53 -13.62
N ILE D 109 26.72 11.14 -12.49
CA ILE D 109 26.85 10.48 -11.20
C ILE D 109 25.44 10.31 -10.58
N GLN D 110 25.26 9.20 -9.86
CA GLN D 110 23.94 8.76 -9.48
C GLN D 110 23.81 8.74 -7.95
N LEU D 111 22.71 9.29 -7.46
CA LEU D 111 22.34 9.27 -6.08
C LEU D 111 21.49 8.02 -5.74
N PRO D 112 22.01 7.08 -4.92
CA PRO D 112 21.21 5.87 -4.78
C PRO D 112 19.93 6.17 -4.01
N ALA D 113 18.90 5.38 -4.27
CA ALA D 113 17.62 5.61 -3.67
C ALA D 113 17.64 5.62 -2.13
N PHE D 114 18.38 4.69 -1.52
CA PHE D 114 18.45 4.65 -0.05
C PHE D 114 19.10 5.90 0.54
N LEU D 115 19.93 6.60 -0.24
CA LEU D 115 20.73 7.71 0.30
C LEU D 115 20.17 9.08 -0.07
N ALA D 116 18.99 9.07 -0.67
CA ALA D 116 18.51 10.25 -1.33
C ALA D 116 18.28 11.40 -0.38
N ARG D 117 18.14 11.09 0.90
CA ARG D 117 18.01 12.06 1.95
C ARG D 117 19.30 12.26 2.78
N GLN D 118 20.44 11.79 2.29
CA GLN D 118 21.74 11.99 3.00
C GLN D 118 22.17 13.40 2.50
N THR D 119 21.87 14.42 3.28
CA THR D 119 22.06 15.79 2.84
C THR D 119 23.47 16.13 2.46
N ASP D 120 24.42 15.59 3.18
CA ASP D 120 25.81 15.82 2.85
C ASP D 120 26.15 15.22 1.47
N LEU D 121 25.57 14.07 1.13
CA LEU D 121 25.88 13.45 -0.19
C LEU D 121 25.29 14.29 -1.29
N VAL D 122 24.04 14.71 -1.10
CA VAL D 122 23.39 15.62 -2.03
C VAL D 122 24.28 16.83 -2.29
N VAL D 123 24.78 17.46 -1.24
CA VAL D 123 25.51 18.69 -1.38
C VAL D 123 26.83 18.44 -2.11
N ALA D 124 27.56 17.42 -1.69
CA ALA D 124 28.81 17.10 -2.36
C ALA D 124 28.56 16.69 -3.84
N MET D 125 27.50 15.95 -4.14
CA MET D 125 27.18 15.66 -5.57
C MET D 125 26.92 16.95 -6.36
N ALA D 126 26.10 17.84 -5.77
CA ALA D 126 25.71 19.06 -6.42
C ALA D 126 26.93 19.86 -6.77
N LYS D 127 27.88 19.98 -5.84
CA LYS D 127 29.04 20.84 -6.03
C LYS D 127 29.94 20.37 -7.18
N THR D 128 29.84 19.11 -7.59
CA THR D 128 30.64 18.67 -8.74
C THR D 128 30.28 19.41 -10.01
N GLY D 129 29.09 19.98 -10.10
CA GLY D 129 28.61 20.56 -11.36
C GLY D 129 28.25 19.49 -12.42
N ASN D 130 28.42 18.21 -12.09
CA ASN D 130 28.06 17.15 -13.04
C ASN D 130 26.54 16.92 -13.18
N VAL D 131 26.16 16.28 -14.28
CA VAL D 131 24.79 15.79 -14.46
C VAL D 131 24.59 14.73 -13.37
N VAL D 132 23.44 14.80 -12.70
CA VAL D 132 23.12 13.89 -11.61
C VAL D 132 21.83 13.09 -11.93
N ASN D 133 21.84 11.79 -11.66
CA ASN D 133 20.65 10.94 -11.76
C ASN D 133 20.15 10.63 -10.42
N ILE D 134 18.97 11.12 -10.12
CA ILE D 134 18.36 10.91 -8.81
C ILE D 134 17.45 9.62 -8.84
N LYS D 135 17.86 8.57 -8.14
CA LYS D 135 17.00 7.40 -8.02
C LYS D 135 15.88 7.71 -7.00
N LYS D 136 14.62 7.66 -7.46
CA LYS D 136 13.46 7.86 -6.63
C LYS D 136 13.31 6.72 -5.60
N PRO D 137 13.43 7.02 -4.31
CA PRO D 137 13.12 6.02 -3.31
C PRO D 137 11.72 5.39 -3.49
N GLN D 138 11.67 4.11 -3.17
CA GLN D 138 10.45 3.40 -3.28
C GLN D 138 9.40 3.81 -2.28
N GLY D 139 9.85 4.50 -1.22
CA GLY D 139 8.94 5.07 -0.26
C GLY D 139 8.57 6.53 -0.48
N LEU D 140 9.01 7.15 -1.59
CA LEU D 140 8.77 8.59 -1.78
C LEU D 140 7.73 8.83 -2.87
N SER D 141 6.70 9.63 -2.59
CA SER D 141 5.68 9.86 -3.58
C SER D 141 6.20 10.74 -4.68
N PRO D 142 5.62 10.60 -5.88
CA PRO D 142 6.13 11.37 -6.99
C PRO D 142 6.00 12.90 -6.82
N SER D 143 5.01 13.36 -6.04
CA SER D 143 4.87 14.79 -5.72
C SER D 143 5.88 15.32 -4.70
N GLN D 144 6.74 14.46 -4.13
CA GLN D 144 7.75 14.91 -3.18
C GLN D 144 9.12 14.85 -3.78
N MET D 145 9.20 14.43 -5.02
CA MET D 145 10.47 14.39 -5.70
C MET D 145 11.02 15.82 -5.75
N LYS D 146 10.13 16.78 -5.80
CA LYS D 146 10.47 18.20 -5.90
C LYS D 146 11.34 18.63 -4.72
N ASN D 147 11.24 17.93 -3.59
CA ASN D 147 12.05 18.28 -2.41
C ASN D 147 13.49 17.89 -2.53
N ILE D 148 13.76 16.80 -3.23
CA ILE D 148 15.10 16.46 -3.51
C ILE D 148 15.67 17.44 -4.55
N VAL D 149 14.88 17.69 -5.58
CA VAL D 149 15.24 18.68 -6.62
C VAL D 149 15.56 20.05 -6.00
N GLU D 150 14.71 20.54 -5.10
CA GLU D 150 14.95 21.79 -4.39
C GLU D 150 16.35 21.84 -3.77
N LYS D 151 16.78 20.73 -3.18
CA LYS D 151 18.05 20.71 -2.44
C LYS D 151 19.23 20.81 -3.37
N PHE D 152 19.13 20.12 -4.49
CA PHE D 152 20.13 20.24 -5.49
C PHE D 152 20.21 21.70 -6.01
N HIS D 153 19.04 22.33 -6.24
CA HIS D 153 18.96 23.73 -6.68
C HIS D 153 19.56 24.72 -5.66
N GLU D 154 19.26 24.54 -4.40
CA GLU D 154 19.81 25.33 -3.34
C GLU D 154 21.32 25.20 -3.30
N ALA D 155 21.84 24.01 -3.59
CA ALA D 155 23.30 23.76 -3.62
C ALA D 155 23.93 24.05 -5.00
N GLY D 156 23.16 24.58 -5.94
CA GLY D 156 23.69 25.17 -7.18
C GLY D 156 23.72 24.31 -8.45
N ASN D 157 22.99 23.20 -8.53
CA ASN D 157 23.07 22.25 -9.69
C ASN D 157 21.65 21.89 -10.13
N GLY D 158 21.31 22.28 -11.34
CA GLY D 158 20.00 22.04 -11.90
C GLY D 158 20.02 21.01 -13.01
N LYS D 159 21.17 20.33 -13.19
CA LYS D 159 21.30 19.30 -14.22
C LYS D 159 20.94 17.92 -13.67
N LEU D 160 19.64 17.71 -13.45
CA LEU D 160 19.13 16.59 -12.73
C LEU D 160 18.19 15.74 -13.58
N ILE D 161 18.39 14.42 -13.50
CA ILE D 161 17.55 13.44 -14.15
C ILE D 161 16.79 12.71 -13.02
N LEU D 162 15.50 12.47 -13.22
CA LEU D 162 14.66 11.80 -12.24
C LEU D 162 14.40 10.37 -12.67
N CYS D 163 14.71 9.41 -11.83
CA CYS D 163 14.69 8.01 -12.26
C CYS D 163 13.70 7.22 -11.41
N GLU D 164 12.63 6.79 -12.07
CA GLU D 164 11.57 5.98 -11.47
C GLU D 164 12.04 4.56 -11.29
N ARG D 165 11.77 3.97 -10.13
CA ARG D 165 12.22 2.61 -9.90
C ARG D 165 11.15 1.82 -9.14
N GLY D 166 9.94 2.31 -9.15
CA GLY D 166 8.80 1.60 -8.49
C GLY D 166 8.56 2.13 -7.07
N SER D 167 7.40 1.76 -6.53
CA SER D 167 6.92 2.17 -5.22
C SER D 167 6.51 0.98 -4.34
N SER D 168 6.81 1.05 -3.03
CA SER D 168 6.48 -0.01 -2.09
C SER D 168 4.99 -0.27 -2.09
N PHE D 169 4.62 -1.55 -2.18
CA PHE D 169 3.26 -1.95 -2.31
C PHE D 169 3.02 -3.12 -1.40
N GLY D 170 2.56 -2.85 -0.20
CA GLY D 170 2.49 -3.85 0.84
C GLY D 170 3.91 -4.20 1.26
N TYR D 171 4.12 -5.42 1.71
CA TYR D 171 5.50 -5.88 2.06
C TYR D 171 6.16 -6.50 0.86
N ASP D 172 7.44 -6.18 0.70
CA ASP D 172 8.34 -6.90 -0.19
C ASP D 172 7.91 -6.89 -1.66
N ASN D 173 7.20 -5.88 -2.08
CA ASN D 173 6.67 -5.90 -3.43
C ASN D 173 6.66 -4.48 -3.94
N LEU D 174 6.85 -4.30 -5.24
CA LEU D 174 6.82 -2.98 -5.88
C LEU D 174 5.72 -2.90 -6.98
N VAL D 175 5.17 -1.72 -7.14
CA VAL D 175 4.30 -1.47 -8.27
C VAL D 175 4.79 -0.15 -8.85
N VAL D 176 4.75 -0.03 -10.17
CA VAL D 176 5.02 1.22 -10.84
C VAL D 176 3.73 1.97 -11.20
N ASP D 177 3.61 3.18 -10.67
CA ASP D 177 2.48 4.05 -10.93
C ASP D 177 2.76 4.86 -12.16
N MET D 178 2.10 4.50 -13.24
CA MET D 178 2.32 5.15 -14.54
C MET D 178 1.90 6.63 -14.50
N LEU D 179 1.10 7.05 -13.52
CA LEU D 179 0.78 8.50 -13.36
C LEU D 179 1.90 9.31 -12.71
N GLY D 180 2.86 8.62 -12.09
CA GLY D 180 3.92 9.26 -11.38
C GLY D 180 4.83 10.03 -12.30
N PHE D 181 5.02 9.52 -13.52
CA PHE D 181 5.89 10.20 -14.47
C PHE D 181 5.37 11.63 -14.74
N GLY D 182 4.09 11.75 -15.01
CA GLY D 182 3.46 13.05 -15.28
C GLY D 182 3.49 14.00 -14.09
N VAL D 183 3.28 13.46 -12.90
CA VAL D 183 3.34 14.24 -11.69
C VAL D 183 4.74 14.82 -11.49
N MET D 184 5.75 14.01 -11.76
CA MET D 184 7.15 14.49 -11.66
C MET D 184 7.47 15.55 -12.70
N LYS D 185 7.00 15.36 -13.91
CA LYS D 185 7.21 16.36 -14.95
C LYS D 185 6.59 17.69 -14.55
N GLN D 186 5.34 17.65 -14.08
CA GLN D 186 4.60 18.85 -13.70
C GLN D 186 5.15 19.58 -12.50
N THR D 187 5.68 18.86 -11.54
CA THR D 187 6.07 19.46 -10.29
C THR D 187 7.58 19.74 -10.21
N CYS D 188 8.39 19.22 -11.15
CA CYS D 188 9.84 19.36 -11.02
C CYS D 188 10.44 20.08 -12.24
N GLY D 189 9.67 20.94 -12.87
CA GLY D 189 10.16 21.77 -13.97
C GLY D 189 10.41 21.02 -15.27
N ASN D 190 9.71 19.91 -15.52
CA ASN D 190 9.90 19.08 -16.72
C ASN D 190 11.37 18.69 -16.94
N LEU D 191 12.07 18.43 -15.85
CA LEU D 191 13.39 17.79 -15.92
C LEU D 191 13.26 16.40 -16.60
N PRO D 192 14.33 15.92 -17.24
CA PRO D 192 14.22 14.59 -17.85
C PRO D 192 13.85 13.48 -16.84
N VAL D 193 12.92 12.63 -17.22
CA VAL D 193 12.49 11.50 -16.44
C VAL D 193 12.82 10.25 -17.20
N ILE D 194 13.46 9.32 -16.50
CA ILE D 194 13.84 8.04 -17.05
C ILE D 194 13.29 6.93 -16.19
N PHE D 195 13.19 5.76 -16.77
CA PHE D 195 12.53 4.61 -16.11
C PHE D 195 13.47 3.45 -15.91
N ASP D 196 13.77 3.12 -14.63
CA ASP D 196 14.57 1.91 -14.27
C ASP D 196 13.61 0.73 -14.22
N VAL D 197 13.50 0.05 -15.36
CA VAL D 197 12.59 -1.05 -15.43
C VAL D 197 13.10 -2.25 -14.67
N THR D 198 14.40 -2.45 -14.66
CA THR D 198 15.00 -3.61 -14.04
C THR D 198 14.70 -3.67 -12.51
N HIS D 199 15.02 -2.61 -11.78
CA HIS D 199 14.82 -2.59 -10.31
C HIS D 199 13.35 -2.60 -9.99
N SER D 200 12.55 -2.07 -10.89
CA SER D 200 11.11 -1.97 -10.72
C SER D 200 10.42 -3.32 -10.68
N LEU D 201 11.12 -4.37 -11.11
CA LEU D 201 10.57 -5.70 -11.29
C LEU D 201 10.98 -6.59 -10.16
N GLN D 202 11.92 -6.15 -9.31
CA GLN D 202 12.83 -7.06 -8.62
C GLN D 202 12.14 -7.97 -7.63
N THR D 203 10.99 -7.53 -7.14
CA THR D 203 10.18 -8.27 -6.19
C THR D 203 9.43 -9.45 -6.84
N ARG D 204 9.17 -9.36 -8.18
CA ARG D 204 8.40 -10.35 -9.02
C ARG D 204 9.23 -11.60 -9.36
N ARG D 215 11.97 -12.39 -22.01
CA ARG D 215 11.59 -11.81 -20.70
C ARG D 215 10.37 -10.93 -20.87
N ALA D 216 9.20 -11.52 -20.62
CA ALA D 216 7.95 -10.94 -21.08
C ALA D 216 7.53 -9.77 -20.25
N GLN D 217 7.78 -9.84 -18.91
CA GLN D 217 7.30 -8.79 -18.06
C GLN D 217 8.10 -7.49 -18.15
N ALA D 218 9.43 -7.57 -18.33
CA ALA D 218 10.25 -6.37 -18.52
C ALA D 218 9.85 -5.59 -19.76
N LEU D 219 9.55 -6.32 -20.83
CA LEU D 219 9.15 -5.69 -22.08
C LEU D 219 7.78 -4.96 -21.95
N ASP D 220 6.80 -5.62 -21.36
CA ASP D 220 5.50 -5.01 -21.13
C ASP D 220 5.59 -3.75 -20.26
N LEU D 221 6.36 -3.85 -19.19
CA LEU D 221 6.50 -2.77 -18.26
C LEU D 221 7.28 -1.61 -18.85
N ALA D 222 8.34 -1.92 -19.58
CA ALA D 222 9.09 -0.89 -20.30
C ALA D 222 8.25 -0.16 -21.34
N LEU D 223 7.50 -0.93 -22.11
CA LEU D 223 6.59 -0.34 -23.06
C LEU D 223 5.55 0.61 -22.42
N ALA D 224 4.98 0.17 -21.30
CA ALA D 224 3.95 0.92 -20.60
C ALA D 224 4.52 2.22 -20.17
N GLY D 225 5.72 2.16 -19.59
CA GLY D 225 6.34 3.40 -19.08
C GLY D 225 6.73 4.34 -20.21
N MET D 226 7.32 3.79 -21.27
CA MET D 226 7.73 4.66 -22.36
C MET D 226 6.53 5.27 -23.06
N ALA D 227 5.36 4.63 -22.95
CA ALA D 227 4.13 5.19 -23.56
C ALA D 227 3.76 6.55 -22.98
N THR D 228 4.25 6.87 -21.78
CA THR D 228 3.90 8.12 -21.14
C THR D 228 4.84 9.24 -21.56
N ARG D 229 5.78 8.94 -22.45
CA ARG D 229 6.64 9.93 -23.04
C ARG D 229 7.82 10.37 -22.16
N LEU D 230 8.88 9.59 -22.18
CA LEU D 230 9.95 9.72 -21.23
C LEU D 230 11.28 9.98 -21.91
N ALA D 231 12.20 10.63 -21.18
CA ALA D 231 13.54 10.89 -21.72
C ALA D 231 14.39 9.64 -21.92
N GLY D 232 14.14 8.58 -21.16
CA GLY D 232 15.07 7.45 -21.23
C GLY D 232 14.66 6.21 -20.52
N LEU D 233 15.42 5.14 -20.78
CA LEU D 233 15.16 3.85 -20.20
C LEU D 233 16.44 3.38 -19.56
N PHE D 234 16.32 2.74 -18.41
CA PHE D 234 17.47 2.38 -17.62
C PHE D 234 17.35 0.90 -17.31
N LEU D 235 18.31 0.11 -17.75
CA LEU D 235 18.27 -1.29 -17.46
C LEU D 235 19.61 -1.99 -17.33
N GLU D 236 19.54 -3.18 -16.73
CA GLU D 236 20.69 -4.11 -16.60
C GLU D 236 20.58 -5.39 -17.46
N SER D 237 21.69 -6.11 -17.66
CA SER D 237 21.66 -7.41 -18.36
C SER D 237 22.63 -8.46 -17.82
N ALA D 251 17.20 -8.82 -14.41
CA ALA D 251 18.14 -8.49 -15.47
C ALA D 251 17.80 -9.24 -16.80
N LEU D 252 17.84 -8.50 -17.91
CA LEU D 252 17.58 -9.02 -19.27
C LEU D 252 18.77 -9.83 -19.85
N PRO D 253 18.52 -11.06 -20.40
CA PRO D 253 19.69 -11.73 -21.03
C PRO D 253 20.26 -10.91 -22.22
N LEU D 254 21.60 -10.83 -22.33
CA LEU D 254 22.29 -9.89 -23.24
C LEU D 254 21.92 -10.05 -24.73
N HIS D 255 21.62 -11.26 -25.20
CA HIS D 255 21.34 -11.48 -26.66
C HIS D 255 19.87 -11.15 -27.08
N LEU D 256 18.97 -11.06 -26.10
CA LEU D 256 17.63 -10.55 -26.34
C LEU D 256 17.62 -9.03 -26.44
N LEU D 257 18.77 -8.39 -26.30
CA LEU D 257 18.82 -6.93 -26.20
C LEU D 257 18.32 -6.23 -27.46
N GLU D 258 18.83 -6.66 -28.61
CA GLU D 258 18.48 -6.05 -29.87
C GLU D 258 16.98 -6.17 -30.20
N ASP D 259 16.39 -7.34 -29.99
CA ASP D 259 14.96 -7.51 -30.19
C ASP D 259 14.16 -6.63 -29.23
N PHE D 260 14.64 -6.57 -27.99
CA PHE D 260 13.95 -5.77 -26.96
C PHE D 260 13.93 -4.29 -27.38
N LEU D 261 15.10 -3.79 -27.73
CA LEU D 261 15.24 -2.36 -28.06
C LEU D 261 14.55 -1.96 -29.34
N ILE D 262 14.48 -2.91 -30.30
CA ILE D 262 13.71 -2.69 -31.51
C ILE D 262 12.27 -2.33 -31.11
N ARG D 263 11.70 -3.07 -30.17
CA ARG D 263 10.31 -2.81 -29.77
C ARG D 263 10.19 -1.49 -29.03
N ILE D 264 11.14 -1.20 -28.17
CA ILE D 264 11.06 0.03 -27.38
C ILE D 264 11.17 1.24 -28.32
N LYS D 265 12.12 1.16 -29.24
CA LYS D 265 12.32 2.26 -30.16
C LYS D 265 11.12 2.51 -31.05
N ALA D 266 10.46 1.44 -31.47
CA ALA D 266 9.23 1.58 -32.26
C ALA D 266 8.18 2.40 -31.52
N LEU D 267 7.94 2.06 -30.25
CA LEU D 267 6.94 2.74 -29.48
C LEU D 267 7.40 4.15 -29.24
N ASP D 268 8.66 4.30 -28.85
CA ASP D 268 9.19 5.66 -28.57
C ASP D 268 9.10 6.58 -29.79
N ASP D 269 9.53 6.11 -30.95
CA ASP D 269 9.34 6.93 -32.17
C ASP D 269 7.87 7.35 -32.42
N LEU D 270 6.93 6.41 -32.23
CA LEU D 270 5.51 6.71 -32.44
C LEU D 270 5.08 7.80 -31.46
N ILE D 271 5.36 7.58 -30.21
CA ILE D 271 4.89 8.52 -29.19
C ILE D 271 5.53 9.89 -29.36
N LYS D 272 6.83 9.92 -29.62
CA LYS D 272 7.51 11.22 -29.72
C LYS D 272 7.06 11.97 -30.99
N SER D 273 6.50 11.27 -31.98
CA SER D 273 6.10 11.94 -33.23
C SER D 273 4.75 12.57 -33.10
N GLN D 274 4.06 12.35 -32.02
CA GLN D 274 2.77 13.00 -31.88
C GLN D 274 2.88 14.19 -30.97
N PRO D 275 2.18 15.26 -31.29
CA PRO D 275 2.36 16.45 -30.51
C PRO D 275 1.69 16.27 -29.17
N ILE D 276 2.18 16.95 -28.13
CA ILE D 276 1.60 16.85 -26.81
C ILE D 276 0.26 17.60 -26.77
N LEU D 277 -0.71 17.16 -25.96
CA LEU D 277 -1.84 18.06 -25.49
C LEU D 277 -2.90 17.24 -24.75
CL CL E . 13.01 4.67 6.29
CL CL F . -27.73 -10.78 -25.02
#